data_2DUY
# 
_entry.id   2DUY 
# 
_audit_conform.dict_name       mmcif_pdbx.dic 
_audit_conform.dict_version    5.398 
_audit_conform.dict_location   http://mmcif.pdb.org/dictionaries/ascii/mmcif_pdbx.dic 
# 
loop_
_database_2.database_id 
_database_2.database_code 
_database_2.pdbx_database_accession 
_database_2.pdbx_DOI 
PDB   2DUY         pdb_00002duy 10.2210/pdb2duy/pdb 
RCSB  RCSB025874   ?            ?                   
WWPDB D_1000025874 ?            ?                   
# 
loop_
_pdbx_audit_revision_history.ordinal 
_pdbx_audit_revision_history.data_content_type 
_pdbx_audit_revision_history.major_revision 
_pdbx_audit_revision_history.minor_revision 
_pdbx_audit_revision_history.revision_date 
1 'Structure model' 1 0 2007-08-14 
2 'Structure model' 1 1 2011-07-13 
3 'Structure model' 1 2 2024-11-13 
# 
_pdbx_audit_revision_details.ordinal             1 
_pdbx_audit_revision_details.revision_ordinal    1 
_pdbx_audit_revision_details.data_content_type   'Structure model' 
_pdbx_audit_revision_details.provider            repository 
_pdbx_audit_revision_details.type                'Initial release' 
_pdbx_audit_revision_details.description         ? 
_pdbx_audit_revision_details.details             ? 
# 
loop_
_pdbx_audit_revision_group.ordinal 
_pdbx_audit_revision_group.revision_ordinal 
_pdbx_audit_revision_group.data_content_type 
_pdbx_audit_revision_group.group 
1 2 'Structure model' 'Derived calculations'      
2 2 'Structure model' 'Source and taxonomy'       
3 2 'Structure model' 'Version format compliance' 
4 3 'Structure model' 'Data collection'           
5 3 'Structure model' 'Database references'       
6 3 'Structure model' 'Derived calculations'      
7 3 'Structure model' 'Structure summary'         
# 
loop_
_pdbx_audit_revision_category.ordinal 
_pdbx_audit_revision_category.revision_ordinal 
_pdbx_audit_revision_category.data_content_type 
_pdbx_audit_revision_category.category 
1 3 'Structure model' chem_comp_atom            
2 3 'Structure model' chem_comp_bond            
3 3 'Structure model' database_2                
4 3 'Structure model' pdbx_entry_details        
5 3 'Structure model' pdbx_modification_feature 
6 3 'Structure model' struct_conn               
7 3 'Structure model' struct_ref_seq_dif        
# 
loop_
_pdbx_audit_revision_item.ordinal 
_pdbx_audit_revision_item.revision_ordinal 
_pdbx_audit_revision_item.data_content_type 
_pdbx_audit_revision_item.item 
1 3 'Structure model' '_database_2.pdbx_DOI'                
2 3 'Structure model' '_database_2.pdbx_database_accession' 
3 3 'Structure model' '_struct_conn.pdbx_leaving_atom_flag' 
4 3 'Structure model' '_struct_ref_seq_dif.details'         
# 
_pdbx_database_status.status_code                     REL 
_pdbx_database_status.entry_id                        2DUY 
_pdbx_database_status.recvd_initial_deposition_date   2006-07-27 
_pdbx_database_status.deposit_site                    PDBJ 
_pdbx_database_status.process_site                    PDBJ 
_pdbx_database_status.status_code_sf                  REL 
_pdbx_database_status.status_code_mr                  ? 
_pdbx_database_status.SG_entry                        Y 
_pdbx_database_status.pdb_format_compatible           Y 
_pdbx_database_status.status_code_cs                  ? 
_pdbx_database_status.status_code_nmr_data            ? 
_pdbx_database_status.methods_development_category    ? 
# 
_pdbx_database_related.db_name        TargetDB 
_pdbx_database_related.db_id          ttk003001215.1 
_pdbx_database_related.details        . 
_pdbx_database_related.content_type   unspecified 
# 
loop_
_audit_author.name 
_audit_author.pdbx_ordinal 
'Niwa, H.'                                               1 
'Shimada, A.'                                            2 
'Chen, L.'                                               3 
'Liu, Z.-J.'                                             4 
'Wang, B.-C.'                                            5 
'Ebihara, A.'                                            6 
'Yokoyama, S.'                                           7 
'RIKEN Structural Genomics/Proteomics Initiative (RSGI)' 8 
# 
_citation.id                        primary 
_citation.title                     'Crystal structure of competence protein ComEA-related protein from Thermus thermophilus HB8' 
_citation.journal_abbrev            'To be Published' 
_citation.journal_volume            ? 
_citation.page_first                ? 
_citation.page_last                 ? 
_citation.year                      ? 
_citation.journal_id_ASTM           ? 
_citation.country                   ? 
_citation.journal_id_ISSN           ? 
_citation.journal_id_CSD            0353 
_citation.book_publisher            ? 
_citation.pdbx_database_id_PubMed   ? 
_citation.pdbx_database_id_DOI      ? 
# 
loop_
_citation_author.citation_id 
_citation_author.name 
_citation_author.ordinal 
_citation_author.identifier_ORCID 
primary 'Niwa, H.'     1 ? 
primary 'Shimada, A.'  2 ? 
primary 'Chen, L.'     3 ? 
primary 'Liu, Z.-J.'   4 ? 
primary 'Wang, B.-C.'  5 ? 
primary 'Ebihara, A.'  6 ? 
primary 'Yokoyama, S.' 7 ? 
# 
loop_
_entity.id 
_entity.type 
_entity.src_method 
_entity.pdbx_description 
_entity.formula_weight 
_entity.pdbx_number_of_molecules 
_entity.pdbx_ec 
_entity.pdbx_mutation 
_entity.pdbx_fragment 
_entity.details 
1 polymer     man 'Competence protein ComEA-related protein' 8287.488 1  ? ? ? ? 
2 non-polymer syn 'CHLORIDE ION'                             35.453   1  ? ? ? ? 
3 water       nat water                                      18.015   37 ? ? ? ? 
# 
_entity_poly.entity_id                      1 
_entity_poly.type                           'polypeptide(L)' 
_entity_poly.nstd_linkage                   no 
_entity_poly.nstd_monomer                   yes 
_entity_poly.pdbx_seq_one_letter_code       
;(MSE)RVEALGKVAPLPQAQTPVSLNEASLEEL(MSE)ALPGIGPVLARRIVEGRPYARVEDLLKVKGIGPATLERLRPY
LRP
;
_entity_poly.pdbx_seq_one_letter_code_can   MRVEALGKVAPLPQAQTPVSLNEASLEELMALPGIGPVLARRIVEGRPYARVEDLLKVKGIGPATLERLRPYLRP 
_entity_poly.pdbx_strand_id                 A 
_entity_poly.pdbx_target_identifier         ttk003001215.1 
# 
loop_
_pdbx_entity_nonpoly.entity_id 
_pdbx_entity_nonpoly.name 
_pdbx_entity_nonpoly.comp_id 
2 'CHLORIDE ION' CL  
3 water          HOH 
# 
loop_
_entity_poly_seq.entity_id 
_entity_poly_seq.num 
_entity_poly_seq.mon_id 
_entity_poly_seq.hetero 
1 1  MSE n 
1 2  ARG n 
1 3  VAL n 
1 4  GLU n 
1 5  ALA n 
1 6  LEU n 
1 7  GLY n 
1 8  LYS n 
1 9  VAL n 
1 10 ALA n 
1 11 PRO n 
1 12 LEU n 
1 13 PRO n 
1 14 GLN n 
1 15 ALA n 
1 16 GLN n 
1 17 THR n 
1 18 PRO n 
1 19 VAL n 
1 20 SER n 
1 21 LEU n 
1 22 ASN n 
1 23 GLU n 
1 24 ALA n 
1 25 SER n 
1 26 LEU n 
1 27 GLU n 
1 28 GLU n 
1 29 LEU n 
1 30 MSE n 
1 31 ALA n 
1 32 LEU n 
1 33 PRO n 
1 34 GLY n 
1 35 ILE n 
1 36 GLY n 
1 37 PRO n 
1 38 VAL n 
1 39 LEU n 
1 40 ALA n 
1 41 ARG n 
1 42 ARG n 
1 43 ILE n 
1 44 VAL n 
1 45 GLU n 
1 46 GLY n 
1 47 ARG n 
1 48 PRO n 
1 49 TYR n 
1 50 ALA n 
1 51 ARG n 
1 52 VAL n 
1 53 GLU n 
1 54 ASP n 
1 55 LEU n 
1 56 LEU n 
1 57 LYS n 
1 58 VAL n 
1 59 LYS n 
1 60 GLY n 
1 61 ILE n 
1 62 GLY n 
1 63 PRO n 
1 64 ALA n 
1 65 THR n 
1 66 LEU n 
1 67 GLU n 
1 68 ARG n 
1 69 LEU n 
1 70 ARG n 
1 71 PRO n 
1 72 TYR n 
1 73 LEU n 
1 74 ARG n 
1 75 PRO n 
# 
_entity_src_gen.entity_id                          1 
_entity_src_gen.pdbx_src_id                        1 
_entity_src_gen.pdbx_alt_source_flag               sample 
_entity_src_gen.pdbx_seq_type                      ? 
_entity_src_gen.pdbx_beg_seq_num                   ? 
_entity_src_gen.pdbx_end_seq_num                   ? 
_entity_src_gen.gene_src_common_name               ? 
_entity_src_gen.gene_src_genus                     Thermus 
_entity_src_gen.pdbx_gene_src_gene                 ? 
_entity_src_gen.gene_src_species                   'Thermus thermophilus' 
_entity_src_gen.gene_src_strain                    HB8 
_entity_src_gen.gene_src_tissue                    ? 
_entity_src_gen.gene_src_tissue_fraction           ? 
_entity_src_gen.gene_src_details                   ? 
_entity_src_gen.pdbx_gene_src_fragment             ? 
_entity_src_gen.pdbx_gene_src_scientific_name      'Thermus thermophilus' 
_entity_src_gen.pdbx_gene_src_ncbi_taxonomy_id     300852 
_entity_src_gen.pdbx_gene_src_variant              ? 
_entity_src_gen.pdbx_gene_src_cell_line            ? 
_entity_src_gen.pdbx_gene_src_atcc                 ? 
_entity_src_gen.pdbx_gene_src_organ                ? 
_entity_src_gen.pdbx_gene_src_organelle            ? 
_entity_src_gen.pdbx_gene_src_cell                 ? 
_entity_src_gen.pdbx_gene_src_cellular_location    ? 
_entity_src_gen.host_org_common_name               ? 
_entity_src_gen.pdbx_host_org_scientific_name      'Escherichia coli' 
_entity_src_gen.pdbx_host_org_ncbi_taxonomy_id     562 
_entity_src_gen.host_org_genus                     Escherichia 
_entity_src_gen.pdbx_host_org_gene                 ? 
_entity_src_gen.pdbx_host_org_organ                ? 
_entity_src_gen.host_org_species                   ? 
_entity_src_gen.pdbx_host_org_tissue               ? 
_entity_src_gen.pdbx_host_org_tissue_fraction      ? 
_entity_src_gen.pdbx_host_org_strain               'Rosetta834(DE3)' 
_entity_src_gen.pdbx_host_org_variant              ? 
_entity_src_gen.pdbx_host_org_cell_line            ? 
_entity_src_gen.pdbx_host_org_atcc                 ? 
_entity_src_gen.pdbx_host_org_culture_collection   ? 
_entity_src_gen.pdbx_host_org_cell                 ? 
_entity_src_gen.pdbx_host_org_organelle            ? 
_entity_src_gen.pdbx_host_org_cellular_location    ? 
_entity_src_gen.pdbx_host_org_vector_type          Plasmid 
_entity_src_gen.pdbx_host_org_vector               ? 
_entity_src_gen.host_org_details                   ? 
_entity_src_gen.expression_system_id               ? 
_entity_src_gen.plasmid_name                       pET11a 
_entity_src_gen.plasmid_details                    ? 
_entity_src_gen.pdbx_description                   ? 
# 
loop_
_chem_comp.id 
_chem_comp.type 
_chem_comp.mon_nstd_flag 
_chem_comp.name 
_chem_comp.pdbx_synonyms 
_chem_comp.formula 
_chem_comp.formula_weight 
ALA 'L-peptide linking' y ALANINE          ? 'C3 H7 N O2'     89.093  
ARG 'L-peptide linking' y ARGININE         ? 'C6 H15 N4 O2 1' 175.209 
ASN 'L-peptide linking' y ASPARAGINE       ? 'C4 H8 N2 O3'    132.118 
ASP 'L-peptide linking' y 'ASPARTIC ACID'  ? 'C4 H7 N O4'     133.103 
CL  non-polymer         . 'CHLORIDE ION'   ? 'Cl -1'          35.453  
GLN 'L-peptide linking' y GLUTAMINE        ? 'C5 H10 N2 O3'   146.144 
GLU 'L-peptide linking' y 'GLUTAMIC ACID'  ? 'C5 H9 N O4'     147.129 
GLY 'peptide linking'   y GLYCINE          ? 'C2 H5 N O2'     75.067  
HOH non-polymer         . WATER            ? 'H2 O'           18.015  
ILE 'L-peptide linking' y ISOLEUCINE       ? 'C6 H13 N O2'    131.173 
LEU 'L-peptide linking' y LEUCINE          ? 'C6 H13 N O2'    131.173 
LYS 'L-peptide linking' y LYSINE           ? 'C6 H15 N2 O2 1' 147.195 
MET 'L-peptide linking' y METHIONINE       ? 'C5 H11 N O2 S'  149.211 
MSE 'L-peptide linking' n SELENOMETHIONINE ? 'C5 H11 N O2 Se' 196.106 
PRO 'L-peptide linking' y PROLINE          ? 'C5 H9 N O2'     115.130 
SER 'L-peptide linking' y SERINE           ? 'C3 H7 N O3'     105.093 
THR 'L-peptide linking' y THREONINE        ? 'C4 H9 N O3'     119.119 
TYR 'L-peptide linking' y TYROSINE         ? 'C9 H11 N O3'    181.189 
VAL 'L-peptide linking' y VALINE           ? 'C5 H11 N O2'    117.146 
# 
loop_
_pdbx_poly_seq_scheme.asym_id 
_pdbx_poly_seq_scheme.entity_id 
_pdbx_poly_seq_scheme.seq_id 
_pdbx_poly_seq_scheme.mon_id 
_pdbx_poly_seq_scheme.ndb_seq_num 
_pdbx_poly_seq_scheme.pdb_seq_num 
_pdbx_poly_seq_scheme.auth_seq_num 
_pdbx_poly_seq_scheme.pdb_mon_id 
_pdbx_poly_seq_scheme.auth_mon_id 
_pdbx_poly_seq_scheme.pdb_strand_id 
_pdbx_poly_seq_scheme.pdb_ins_code 
_pdbx_poly_seq_scheme.hetero 
A 1 1  MSE 1  1  ?  ?   ?   A . n 
A 1 2  ARG 2  2  ?  ?   ?   A . n 
A 1 3  VAL 3  3  ?  ?   ?   A . n 
A 1 4  GLU 4  4  ?  ?   ?   A . n 
A 1 5  ALA 5  5  ?  ?   ?   A . n 
A 1 6  LEU 6  6  ?  ?   ?   A . n 
A 1 7  GLY 7  7  ?  ?   ?   A . n 
A 1 8  LYS 8  8  ?  ?   ?   A . n 
A 1 9  VAL 9  9  ?  ?   ?   A . n 
A 1 10 ALA 10 10 ?  ?   ?   A . n 
A 1 11 PRO 11 11 11 PRO ALA A . n 
A 1 12 LEU 12 12 12 LEU LEU A . n 
A 1 13 PRO 13 13 13 PRO PRO A . n 
A 1 14 GLN 14 14 14 GLN GLN A . n 
A 1 15 ALA 15 15 15 ALA ALA A . n 
A 1 16 GLN 16 16 16 GLN GLN A . n 
A 1 17 THR 17 17 17 THR THR A . n 
A 1 18 PRO 18 18 18 PRO PRO A . n 
A 1 19 VAL 19 19 19 VAL VAL A . n 
A 1 20 SER 20 20 20 SER SER A . n 
A 1 21 LEU 21 21 21 LEU LEU A . n 
A 1 22 ASN 22 22 22 ASN ASN A . n 
A 1 23 GLU 23 23 23 GLU GLU A . n 
A 1 24 ALA 24 24 24 ALA ALA A . n 
A 1 25 SER 25 25 25 SER SER A . n 
A 1 26 LEU 26 26 26 LEU LEU A . n 
A 1 27 GLU 27 27 27 GLU GLU A . n 
A 1 28 GLU 28 28 28 GLU GLU A . n 
A 1 29 LEU 29 29 29 LEU LEU A . n 
A 1 30 MSE 30 30 30 MSE MSE A . n 
A 1 31 ALA 31 31 31 ALA ALA A . n 
A 1 32 LEU 32 32 32 LEU LEU A . n 
A 1 33 PRO 33 33 33 PRO PRO A . n 
A 1 34 GLY 34 34 34 GLY GLY A . n 
A 1 35 ILE 35 35 35 ILE ILE A . n 
A 1 36 GLY 36 36 36 GLY GLY A . n 
A 1 37 PRO 37 37 37 PRO PRO A . n 
A 1 38 VAL 38 38 38 VAL VAL A . n 
A 1 39 LEU 39 39 39 LEU LEU A . n 
A 1 40 ALA 40 40 40 ALA ALA A . n 
A 1 41 ARG 41 41 41 ARG ARG A . n 
A 1 42 ARG 42 42 42 ARG ARG A . n 
A 1 43 ILE 43 43 43 ILE ILE A . n 
A 1 44 VAL 44 44 44 VAL VAL A . n 
A 1 45 GLU 45 45 45 GLU GLU A . n 
A 1 46 GLY 46 46 46 GLY GLY A . n 
A 1 47 ARG 47 47 47 ARG ARG A . n 
A 1 48 PRO 48 48 48 PRO PRO A . n 
A 1 49 TYR 49 49 49 TYR TYR A . n 
A 1 50 ALA 50 50 50 ALA ALA A . n 
A 1 51 ARG 51 51 51 ARG ARG A . n 
A 1 52 VAL 52 52 52 VAL VAL A . n 
A 1 53 GLU 53 53 53 GLU GLU A . n 
A 1 54 ASP 54 54 54 ASP ASP A . n 
A 1 55 LEU 55 55 55 LEU LEU A . n 
A 1 56 LEU 56 56 56 LEU LEU A . n 
A 1 57 LYS 57 57 57 LYS LYS A . n 
A 1 58 VAL 58 58 58 VAL VAL A . n 
A 1 59 LYS 59 59 59 LYS LYS A . n 
A 1 60 GLY 60 60 60 GLY GLY A . n 
A 1 61 ILE 61 61 61 ILE ILE A . n 
A 1 62 GLY 62 62 62 GLY GLY A . n 
A 1 63 PRO 63 63 63 PRO PRO A . n 
A 1 64 ALA 64 64 64 ALA ALA A . n 
A 1 65 THR 65 65 65 THR THR A . n 
A 1 66 LEU 66 66 66 LEU LEU A . n 
A 1 67 GLU 67 67 67 GLU GLU A . n 
A 1 68 ARG 68 68 68 ARG ARG A . n 
A 1 69 LEU 69 69 69 LEU LEU A . n 
A 1 70 ARG 70 70 70 ARG ARG A . n 
A 1 71 PRO 71 71 71 PRO PRO A . n 
A 1 72 TYR 72 72 72 TYR TYR A . n 
A 1 73 LEU 73 73 73 LEU LEU A . n 
A 1 74 ARG 74 74 74 ARG ARG A . n 
A 1 75 PRO 75 75 75 PRO PRO A . n 
# 
loop_
_pdbx_nonpoly_scheme.asym_id 
_pdbx_nonpoly_scheme.entity_id 
_pdbx_nonpoly_scheme.mon_id 
_pdbx_nonpoly_scheme.ndb_seq_num 
_pdbx_nonpoly_scheme.pdb_seq_num 
_pdbx_nonpoly_scheme.auth_seq_num 
_pdbx_nonpoly_scheme.pdb_mon_id 
_pdbx_nonpoly_scheme.auth_mon_id 
_pdbx_nonpoly_scheme.pdb_strand_id 
_pdbx_nonpoly_scheme.pdb_ins_code 
B 2 CL  1  100 100 CL  CL  A . 
C 3 HOH 1  101 1   HOH TIP A . 
C 3 HOH 2  102 2   HOH TIP A . 
C 3 HOH 3  103 3   HOH TIP A . 
C 3 HOH 4  104 4   HOH TIP A . 
C 3 HOH 5  105 5   HOH TIP A . 
C 3 HOH 6  106 6   HOH TIP A . 
C 3 HOH 7  107 7   HOH TIP A . 
C 3 HOH 8  108 8   HOH TIP A . 
C 3 HOH 9  109 9   HOH TIP A . 
C 3 HOH 10 110 10  HOH TIP A . 
C 3 HOH 11 111 11  HOH TIP A . 
C 3 HOH 12 112 12  HOH TIP A . 
C 3 HOH 13 113 13  HOH TIP A . 
C 3 HOH 14 114 14  HOH TIP A . 
C 3 HOH 15 115 15  HOH TIP A . 
C 3 HOH 16 116 16  HOH TIP A . 
C 3 HOH 17 117 17  HOH TIP A . 
C 3 HOH 18 118 18  HOH TIP A . 
C 3 HOH 19 119 19  HOH TIP A . 
C 3 HOH 20 120 20  HOH TIP A . 
C 3 HOH 21 121 21  HOH TIP A . 
C 3 HOH 22 122 22  HOH TIP A . 
C 3 HOH 23 123 23  HOH TIP A . 
C 3 HOH 24 124 24  HOH TIP A . 
C 3 HOH 25 125 25  HOH TIP A . 
C 3 HOH 26 126 26  HOH TIP A . 
C 3 HOH 27 127 27  HOH TIP A . 
C 3 HOH 28 128 28  HOH TIP A . 
C 3 HOH 29 129 29  HOH TIP A . 
C 3 HOH 30 130 30  HOH TIP A . 
C 3 HOH 31 131 31  HOH TIP A . 
C 3 HOH 32 132 32  HOH TIP A . 
C 3 HOH 33 133 33  HOH TIP A . 
C 3 HOH 34 134 34  HOH TIP A . 
C 3 HOH 35 135 35  HOH TIP A . 
C 3 HOH 36 136 36  HOH TIP A . 
C 3 HOH 37 137 37  HOH TIP A . 
# 
loop_
_pdbx_unobs_or_zero_occ_atoms.id 
_pdbx_unobs_or_zero_occ_atoms.PDB_model_num 
_pdbx_unobs_or_zero_occ_atoms.polymer_flag 
_pdbx_unobs_or_zero_occ_atoms.occupancy_flag 
_pdbx_unobs_or_zero_occ_atoms.auth_asym_id 
_pdbx_unobs_or_zero_occ_atoms.auth_comp_id 
_pdbx_unobs_or_zero_occ_atoms.auth_seq_id 
_pdbx_unobs_or_zero_occ_atoms.PDB_ins_code 
_pdbx_unobs_or_zero_occ_atoms.auth_atom_id 
_pdbx_unobs_or_zero_occ_atoms.label_alt_id 
_pdbx_unobs_or_zero_occ_atoms.label_asym_id 
_pdbx_unobs_or_zero_occ_atoms.label_comp_id 
_pdbx_unobs_or_zero_occ_atoms.label_seq_id 
_pdbx_unobs_or_zero_occ_atoms.label_atom_id 
1 1 Y 1 A PRO 11 ? CG ? A PRO 11 CG 
2 1 Y 1 A PRO 11 ? CD ? A PRO 11 CD 
# 
loop_
_software.name 
_software.classification 
_software.version 
_software.citation_id 
_software.pdbx_ordinal 
CNS      refinement       1.1 ? 1 
HKL-2000 'data reduction' .   ? 2 
HKL-2000 'data scaling'   .   ? 3 
CNS      phasing          .   ? 4 
# 
_cell.entry_id           2DUY 
_cell.length_a           42.635 
_cell.length_b           42.635 
_cell.length_c           53.756 
_cell.angle_alpha        90.00 
_cell.angle_beta         90.00 
_cell.angle_gamma        90.00 
_cell.Z_PDB              8 
_cell.pdbx_unique_axis   ? 
_cell.length_a_esd       ? 
_cell.length_b_esd       ? 
_cell.length_c_esd       ? 
_cell.angle_alpha_esd    ? 
_cell.angle_beta_esd     ? 
_cell.angle_gamma_esd    ? 
# 
_symmetry.entry_id                         2DUY 
_symmetry.space_group_name_H-M             'P 43 21 2' 
_symmetry.pdbx_full_space_group_name_H-M   ? 
_symmetry.cell_setting                     ? 
_symmetry.Int_Tables_number                96 
_symmetry.space_group_name_Hall            ? 
# 
_exptl.entry_id          2DUY 
_exptl.method            'X-RAY DIFFRACTION' 
_exptl.crystals_number   2 
# 
loop_
_exptl_crystal.id 
_exptl_crystal.density_meas 
_exptl_crystal.density_Matthews 
_exptl_crystal.density_percent_sol 
_exptl_crystal.description 
_exptl_crystal.F_000 
_exptl_crystal.preparation 
1 ? 1.472200 16.451578 ? ? ? 
2 ? ?        ?         ? ? ? 
# 
loop_
_exptl_crystal_grow.crystal_id 
_exptl_crystal_grow.method 
_exptl_crystal_grow.temp 
_exptl_crystal_grow.temp_details 
_exptl_crystal_grow.pH 
_exptl_crystal_grow.pdbx_details 
_exptl_crystal_grow.pdbx_pH_range 
1 'VAPOR DIFFUSION, SITTING DROP' 293 ? 6.4 
'1.5M Ammonium citrate, 0.1M Bis-tris propane, pH 6.4, VAPOR DIFFUSION, SITTING DROP, temperature 293K' . 
2 'VAPOR DIFFUSION, SITTING DROP' 293 ? 6.6 
'1.5M Ammonium citrate, 0.1M Bis-tris propane, pH 6.6, VAPOR DIFFUSION, SITTING DROP, temperature 293K' . 
# 
loop_
_diffrn.id 
_diffrn.ambient_temp 
_diffrn.ambient_temp_details 
_diffrn.crystal_id 
1   100 ? 1 
2   100 ? 1 
1,2 ?   ? 1 
# 
loop_
_diffrn_detector.diffrn_id 
_diffrn_detector.detector 
_diffrn_detector.type 
_diffrn_detector.pdbx_collection_date 
_diffrn_detector.details 
1 CCD 'MARMOSAIC 300 mm CCD' 2006-02-12 ? 
2 CCD 'RIGAKU JUPITER 210'   2005-12-16 ? 
# 
loop_
_diffrn_radiation.diffrn_id 
_diffrn_radiation.wavelength_id 
_diffrn_radiation.pdbx_monochromatic_or_laue_m_l 
_diffrn_radiation.monochromator 
_diffrn_radiation.pdbx_diffrn_protocol 
_diffrn_radiation.pdbx_scattering_type 
1 1 M 'SI DOUBLE CRYSTAL' 'SINGLE WAVELENGTH' x-ray 
2 1 M 'SI DOUBLE CRYSTAL' MAD                 x-ray 
# 
loop_
_diffrn_radiation_wavelength.id 
_diffrn_radiation_wavelength.wavelength 
_diffrn_radiation_wavelength.wt 
1 0.9724 1.0 
2 0.9789 1.0 
3 0.9793 1.0 
4 0.9000 1.0 
# 
loop_
_diffrn_source.diffrn_id 
_diffrn_source.source 
_diffrn_source.type 
_diffrn_source.pdbx_synchrotron_site 
_diffrn_source.pdbx_synchrotron_beamline 
_diffrn_source.pdbx_wavelength 
_diffrn_source.pdbx_wavelength_list 
1 SYNCHROTRON 'APS BEAMLINE 22-ID'       APS      22-ID  ? 0.9724                   
2 SYNCHROTRON 'SPRING-8 BEAMLINE BL26B2' SPring-8 BL26B2 ? '0.9789, 0.9793, 0.9000' 
# 
_reflns.entry_id                     2DUY 
_reflns.observed_criterion_sigma_I   0.0 
_reflns.observed_criterion_sigma_F   0.0 
_reflns.d_resolution_low             50.0 
_reflns.d_resolution_high            1.75 
_reflns.number_obs                   5420 
_reflns.number_all                   5420 
_reflns.percent_possible_obs         99.9 
_reflns.pdbx_Rmerge_I_obs            0.062 
_reflns.pdbx_Rsym_value              ? 
_reflns.pdbx_netI_over_sigmaI        69.2 
_reflns.B_iso_Wilson_estimate        18.0 
_reflns.pdbx_redundancy              26.0 
_reflns.R_free_details               ? 
_reflns.limit_h_max                  ? 
_reflns.limit_h_min                  ? 
_reflns.limit_k_max                  ? 
_reflns.limit_k_min                  ? 
_reflns.limit_l_max                  ? 
_reflns.limit_l_min                  ? 
_reflns.observed_criterion_F_max     ? 
_reflns.observed_criterion_F_min     ? 
_reflns.pdbx_chi_squared             ? 
_reflns.pdbx_scaling_rejects         ? 
_reflns.pdbx_ordinal                 1 
_reflns.pdbx_diffrn_id               1,2 
# 
_reflns_shell.d_res_high             1.75 
_reflns_shell.d_res_low              1.81 
_reflns_shell.percent_possible_all   99.6 
_reflns_shell.Rmerge_I_obs           0.31 
_reflns_shell.pdbx_Rsym_value        ? 
_reflns_shell.meanI_over_sigI_obs    10.2 
_reflns_shell.pdbx_redundancy        19.6 
_reflns_shell.percent_possible_obs   ? 
_reflns_shell.number_unique_all      522 
_reflns_shell.number_measured_all    ? 
_reflns_shell.number_measured_obs    ? 
_reflns_shell.number_unique_obs      ? 
_reflns_shell.pdbx_chi_squared       ? 
_reflns_shell.pdbx_ordinal           1 
_reflns_shell.pdbx_diffrn_id         1,2 
# 
_refine.entry_id                                 2DUY 
_refine.ls_number_reflns_obs                     5352 
_refine.ls_number_reflns_all                     5383 
_refine.pdbx_ls_sigma_I                          ? 
_refine.pdbx_ls_sigma_F                          0.0 
_refine.pdbx_data_cutoff_high_absF               861188.70 
_refine.pdbx_data_cutoff_low_absF                0.000000 
_refine.pdbx_data_cutoff_high_rms_absF           ? 
_refine.ls_d_res_low                             50.0 
_refine.ls_d_res_high                            1.75 
_refine.ls_percent_reflns_obs                    99.3 
_refine.ls_R_factor_obs                          0.193 
_refine.ls_R_factor_all                          0.193 
_refine.ls_R_factor_R_work                       0.188 
_refine.ls_R_factor_R_free                       0.218 
_refine.ls_R_factor_R_free_error                 0.008 
_refine.ls_R_factor_R_free_error_details         ? 
_refine.ls_percent_reflns_R_free                 15.1 
_refine.ls_number_reflns_R_free                  809 
_refine.ls_number_parameters                     ? 
_refine.ls_number_restraints                     ? 
_refine.occupancy_min                            ? 
_refine.occupancy_max                            ? 
_refine.correlation_coeff_Fo_to_Fc               ? 
_refine.correlation_coeff_Fo_to_Fc_free          ? 
_refine.B_iso_mean                               23.7 
_refine.aniso_B[1][1]                            2.02 
_refine.aniso_B[2][2]                            2.02 
_refine.aniso_B[3][3]                            -4.04 
_refine.aniso_B[1][2]                            0.00 
_refine.aniso_B[1][3]                            0.00 
_refine.aniso_B[2][3]                            0.00 
_refine.solvent_model_details                    'FLAT MODEL' 
_refine.solvent_model_param_ksol                 0.354968 
_refine.solvent_model_param_bsol                 40.246 
_refine.pdbx_solvent_vdw_probe_radii             ? 
_refine.pdbx_solvent_ion_probe_radii             ? 
_refine.pdbx_solvent_shrinkage_radii             ? 
_refine.pdbx_ls_cross_valid_method               THROUGHOUT 
_refine.details                                  ? 
_refine.pdbx_starting_model                      ? 
_refine.pdbx_method_to_determine_struct          MAD 
_refine.pdbx_isotropic_thermal_model             RESTRAINED 
_refine.pdbx_stereochemistry_target_values       'Engh & Huber' 
_refine.pdbx_stereochem_target_val_spec_case     ? 
_refine.pdbx_R_Free_selection_details            RANDOM 
_refine.pdbx_overall_ESU_R                       ? 
_refine.pdbx_overall_ESU_R_Free                  ? 
_refine.overall_SU_ML                            ? 
_refine.overall_SU_B                             ? 
_refine.ls_redundancy_reflns_obs                 ? 
_refine.B_iso_min                                ? 
_refine.B_iso_max                                ? 
_refine.overall_SU_R_Cruickshank_DPI             ? 
_refine.overall_SU_R_free                        ? 
_refine.ls_wR_factor_R_free                      ? 
_refine.ls_wR_factor_R_work                      ? 
_refine.overall_FOM_free_R_set                   ? 
_refine.overall_FOM_work_R_set                   ? 
_refine.pdbx_refine_id                           'X-RAY DIFFRACTION' 
_refine.pdbx_diffrn_id                           1 
_refine.pdbx_TLS_residual_ADP_flag               ? 
_refine.pdbx_overall_phase_error                 ? 
_refine.pdbx_overall_SU_R_free_Cruickshank_DPI   ? 
_refine.pdbx_overall_SU_R_Blow_DPI               ? 
_refine.pdbx_overall_SU_R_free_Blow_DPI          ? 
# 
_refine_analyze.entry_id                        2DUY 
_refine_analyze.Luzzati_coordinate_error_obs    0.19 
_refine_analyze.Luzzati_sigma_a_obs             0.11 
_refine_analyze.Luzzati_d_res_low_obs           5.00 
_refine_analyze.Luzzati_coordinate_error_free   0.23 
_refine_analyze.Luzzati_sigma_a_free            0.12 
_refine_analyze.Luzzati_d_res_low_free          ? 
_refine_analyze.number_disordered_residues      ? 
_refine_analyze.occupancy_sum_hydrogen          ? 
_refine_analyze.occupancy_sum_non_hydrogen      ? 
_refine_analyze.pdbx_Luzzati_d_res_high_obs     ? 
_refine_analyze.pdbx_refine_id                  'X-RAY DIFFRACTION' 
# 
_refine_hist.pdbx_refine_id                   'X-RAY DIFFRACTION' 
_refine_hist.cycle_id                         LAST 
_refine_hist.pdbx_number_atoms_protein        500 
_refine_hist.pdbx_number_atoms_nucleic_acid   0 
_refine_hist.pdbx_number_atoms_ligand         1 
_refine_hist.number_atoms_solvent             37 
_refine_hist.number_atoms_total               538 
_refine_hist.d_res_high                       1.75 
_refine_hist.d_res_low                        50.0 
# 
loop_
_refine_ls_restr.type 
_refine_ls_restr.dev_ideal 
_refine_ls_restr.dev_ideal_target 
_refine_ls_restr.weight 
_refine_ls_restr.number 
_refine_ls_restr.pdbx_refine_id 
_refine_ls_restr.pdbx_restraint_function 
c_bond_d                0.006 ?    ? ? 'X-RAY DIFFRACTION' ? 
c_bond_d_na             ?     ?    ? ? 'X-RAY DIFFRACTION' ? 
c_bond_d_prot           ?     ?    ? ? 'X-RAY DIFFRACTION' ? 
c_angle_d               ?     ?    ? ? 'X-RAY DIFFRACTION' ? 
c_angle_d_na            ?     ?    ? ? 'X-RAY DIFFRACTION' ? 
c_angle_d_prot          ?     ?    ? ? 'X-RAY DIFFRACTION' ? 
c_angle_deg             1.4   ?    ? ? 'X-RAY DIFFRACTION' ? 
c_angle_deg_na          ?     ?    ? ? 'X-RAY DIFFRACTION' ? 
c_angle_deg_prot        ?     ?    ? ? 'X-RAY DIFFRACTION' ? 
c_dihedral_angle_d      22.8  ?    ? ? 'X-RAY DIFFRACTION' ? 
c_dihedral_angle_d_na   ?     ?    ? ? 'X-RAY DIFFRACTION' ? 
c_dihedral_angle_d_prot ?     ?    ? ? 'X-RAY DIFFRACTION' ? 
c_improper_angle_d      1.15  ?    ? ? 'X-RAY DIFFRACTION' ? 
c_improper_angle_d_na   ?     ?    ? ? 'X-RAY DIFFRACTION' ? 
c_improper_angle_d_prot ?     ?    ? ? 'X-RAY DIFFRACTION' ? 
c_mcbond_it             1.36  1.50 ? ? 'X-RAY DIFFRACTION' ? 
c_mcangle_it            2.06  2.00 ? ? 'X-RAY DIFFRACTION' ? 
c_scbond_it             2.43  2.00 ? ? 'X-RAY DIFFRACTION' ? 
c_scangle_it            3.66  2.50 ? ? 'X-RAY DIFFRACTION' ? 
# 
_refine_ls_shell.pdbx_total_number_of_bins_used   6 
_refine_ls_shell.d_res_high                       1.75 
_refine_ls_shell.d_res_low                        1.86 
_refine_ls_shell.number_reflns_R_work             734 
_refine_ls_shell.R_factor_R_work                  0.242 
_refine_ls_shell.percent_reflns_obs               98.2 
_refine_ls_shell.R_factor_R_free                  0.289 
_refine_ls_shell.R_factor_R_free_error            0.026 
_refine_ls_shell.percent_reflns_R_free            14.4 
_refine_ls_shell.number_reflns_R_free             123 
_refine_ls_shell.number_reflns_all                ? 
_refine_ls_shell.R_factor_all                     ? 
_refine_ls_shell.number_reflns_obs                857 
_refine_ls_shell.redundancy_reflns_obs            ? 
_refine_ls_shell.pdbx_refine_id                   'X-RAY DIFFRACTION' 
# 
loop_
_pdbx_xplor_file.serial_no 
_pdbx_xplor_file.param_file 
_pdbx_xplor_file.topol_file 
_pdbx_xplor_file.pdbx_refine_id 
1 protein_rep.param protein.top 'X-RAY DIFFRACTION' 
2 water_rep.param   water.top   'X-RAY DIFFRACTION' 
3 ion.param         ion.top     'X-RAY DIFFRACTION' 
# 
_struct.entry_id                  2DUY 
_struct.title                     'Crystal structure of competence protein ComEA-related protein from Thermus thermophilus HB8' 
_struct.pdbx_model_details        ? 
_struct.pdbx_CASP_flag            ? 
_struct.pdbx_model_type_details   ? 
# 
_struct_keywords.entry_id        2DUY 
_struct_keywords.pdbx_keywords   'STRUCTURAL GENOMICS, UNKNOWN FUNCTION' 
_struct_keywords.text            
;HELIX-HAIRPIN-HELIX, Structural Genomics, NPPSFA, National Project on Protein Structural and Functional Analyses, RIKEN Structural Genomics/Proteomics Initiative, RSGI, UNKNOWN FUNCTION
;
# 
loop_
_struct_asym.id 
_struct_asym.pdbx_blank_PDB_chainid_flag 
_struct_asym.pdbx_modified 
_struct_asym.entity_id 
_struct_asym.details 
A N N 1 ? 
B N N 2 ? 
C N N 3 ? 
# 
_struct_ref.id                         1 
_struct_ref.db_name                    UNP 
_struct_ref.db_code                    Q5SGW3_THET8 
_struct_ref.pdbx_db_accession          Q5SGW3 
_struct_ref.entity_id                  1 
_struct_ref.pdbx_seq_one_letter_code   MRVEALGKVAPLPQAQTPVSLNEASLEELMALPGIGPVLARRIVEGRPYARVEDLLKVKGIGPATLERLRPYLRP 
_struct_ref.pdbx_align_begin           1 
_struct_ref.pdbx_db_isoform            ? 
# 
_struct_ref_seq.align_id                      1 
_struct_ref_seq.ref_id                        1 
_struct_ref_seq.pdbx_PDB_id_code              2DUY 
_struct_ref_seq.pdbx_strand_id                A 
_struct_ref_seq.seq_align_beg                 1 
_struct_ref_seq.pdbx_seq_align_beg_ins_code   ? 
_struct_ref_seq.seq_align_end                 75 
_struct_ref_seq.pdbx_seq_align_end_ins_code   ? 
_struct_ref_seq.pdbx_db_accession             Q5SGW3 
_struct_ref_seq.db_align_beg                  1 
_struct_ref_seq.pdbx_db_align_beg_ins_code    ? 
_struct_ref_seq.db_align_end                  75 
_struct_ref_seq.pdbx_db_align_end_ins_code    ? 
_struct_ref_seq.pdbx_auth_seq_align_beg       1 
_struct_ref_seq.pdbx_auth_seq_align_end       75 
# 
loop_
_struct_ref_seq_dif.align_id 
_struct_ref_seq_dif.pdbx_pdb_id_code 
_struct_ref_seq_dif.mon_id 
_struct_ref_seq_dif.pdbx_pdb_strand_id 
_struct_ref_seq_dif.seq_num 
_struct_ref_seq_dif.pdbx_pdb_ins_code 
_struct_ref_seq_dif.pdbx_seq_db_name 
_struct_ref_seq_dif.pdbx_seq_db_accession_code 
_struct_ref_seq_dif.db_mon_id 
_struct_ref_seq_dif.pdbx_seq_db_seq_num 
_struct_ref_seq_dif.details 
_struct_ref_seq_dif.pdbx_auth_seq_num 
_struct_ref_seq_dif.pdbx_ordinal 
1 2DUY MSE A 1  ? UNP Q5SGW3 MET 1  'modified residue' 1  1 
1 2DUY MSE A 30 ? UNP Q5SGW3 MET 30 'modified residue' 30 2 
# 
loop_
_pdbx_struct_assembly.id 
_pdbx_struct_assembly.details 
_pdbx_struct_assembly.method_details 
_pdbx_struct_assembly.oligomeric_details 
_pdbx_struct_assembly.oligomeric_count 
1 author_defined_assembly   ?        monomeric 1 
2 software_defined_assembly PISA,PQS dimeric   2 
# 
loop_
_pdbx_struct_assembly_prop.biol_id 
_pdbx_struct_assembly_prop.type 
_pdbx_struct_assembly_prop.value 
_pdbx_struct_assembly_prop.details 
2 'ABSA (A^2)' 960  ? 
2 MORE         -19  ? 
2 'SSA (A^2)'  7130 ? 
# 
loop_
_pdbx_struct_assembly_gen.assembly_id 
_pdbx_struct_assembly_gen.oper_expression 
_pdbx_struct_assembly_gen.asym_id_list 
1 1   A,B,C 
2 1,2 A,B,C 
# 
loop_
_pdbx_struct_oper_list.id 
_pdbx_struct_oper_list.type 
_pdbx_struct_oper_list.name 
_pdbx_struct_oper_list.symmetry_operation 
_pdbx_struct_oper_list.matrix[1][1] 
_pdbx_struct_oper_list.matrix[1][2] 
_pdbx_struct_oper_list.matrix[1][3] 
_pdbx_struct_oper_list.vector[1] 
_pdbx_struct_oper_list.matrix[2][1] 
_pdbx_struct_oper_list.matrix[2][2] 
_pdbx_struct_oper_list.matrix[2][3] 
_pdbx_struct_oper_list.vector[2] 
_pdbx_struct_oper_list.matrix[3][1] 
_pdbx_struct_oper_list.matrix[3][2] 
_pdbx_struct_oper_list.matrix[3][3] 
_pdbx_struct_oper_list.vector[3] 
1 'identity operation'         1_555 x,y,z    1.0000000000  0.0000000000  0.0000000000  0.0000000000  0.0000000000  1.0000000000  0.0000000000 0.0000000000  0.0000000000  0.0000000000 1.0000000000  0.0000000000  
2 'crystal symmetry operation' 7_556 y,x,-z+1 -0.8512127874 -0.3753809740 -0.3667777459 18.3728005220 -0.3753809740 -0.0529369212 0.9253576642 12.1069742998 -0.3667777459 0.9253576642 -0.0958502914 -4.9378405530 
# 
_struct_biol.id   1 
# 
loop_
_struct_conf.conf_type_id 
_struct_conf.id 
_struct_conf.pdbx_PDB_helix_id 
_struct_conf.beg_label_comp_id 
_struct_conf.beg_label_asym_id 
_struct_conf.beg_label_seq_id 
_struct_conf.pdbx_beg_PDB_ins_code 
_struct_conf.end_label_comp_id 
_struct_conf.end_label_asym_id 
_struct_conf.end_label_seq_id 
_struct_conf.pdbx_end_PDB_ins_code 
_struct_conf.beg_auth_comp_id 
_struct_conf.beg_auth_asym_id 
_struct_conf.beg_auth_seq_id 
_struct_conf.end_auth_comp_id 
_struct_conf.end_auth_asym_id 
_struct_conf.end_auth_seq_id 
_struct_conf.pdbx_PDB_helix_class 
_struct_conf.details 
_struct_conf.pdbx_PDB_helix_length 
HELX_P HELX_P1 1 PRO A 13 ? THR A 17 ? PRO A 13 THR A 17 5 ? 5  
HELX_P HELX_P2 2 SER A 25 ? MSE A 30 ? SER A 25 MSE A 30 1 ? 6  
HELX_P HELX_P3 3 GLY A 36 ? GLY A 46 ? GLY A 36 GLY A 46 1 ? 11 
HELX_P HELX_P4 4 ARG A 51 ? VAL A 58 ? ARG A 51 VAL A 58 5 ? 8  
HELX_P HELX_P5 5 GLY A 62 ? ARG A 70 ? GLY A 62 ARG A 70 1 ? 9  
# 
_struct_conf_type.id          HELX_P 
_struct_conf_type.criteria    ? 
_struct_conf_type.reference   ? 
# 
loop_
_struct_conn.id 
_struct_conn.conn_type_id 
_struct_conn.pdbx_leaving_atom_flag 
_struct_conn.pdbx_PDB_id 
_struct_conn.ptnr1_label_asym_id 
_struct_conn.ptnr1_label_comp_id 
_struct_conn.ptnr1_label_seq_id 
_struct_conn.ptnr1_label_atom_id 
_struct_conn.pdbx_ptnr1_label_alt_id 
_struct_conn.pdbx_ptnr1_PDB_ins_code 
_struct_conn.pdbx_ptnr1_standard_comp_id 
_struct_conn.ptnr1_symmetry 
_struct_conn.ptnr2_label_asym_id 
_struct_conn.ptnr2_label_comp_id 
_struct_conn.ptnr2_label_seq_id 
_struct_conn.ptnr2_label_atom_id 
_struct_conn.pdbx_ptnr2_label_alt_id 
_struct_conn.pdbx_ptnr2_PDB_ins_code 
_struct_conn.ptnr1_auth_asym_id 
_struct_conn.ptnr1_auth_comp_id 
_struct_conn.ptnr1_auth_seq_id 
_struct_conn.ptnr2_auth_asym_id 
_struct_conn.ptnr2_auth_comp_id 
_struct_conn.ptnr2_auth_seq_id 
_struct_conn.ptnr2_symmetry 
_struct_conn.pdbx_ptnr3_label_atom_id 
_struct_conn.pdbx_ptnr3_label_seq_id 
_struct_conn.pdbx_ptnr3_label_comp_id 
_struct_conn.pdbx_ptnr3_label_asym_id 
_struct_conn.pdbx_ptnr3_label_alt_id 
_struct_conn.pdbx_ptnr3_PDB_ins_code 
_struct_conn.details 
_struct_conn.pdbx_dist_value 
_struct_conn.pdbx_value_order 
_struct_conn.pdbx_role 
covale1 covale both ? A LEU 29 C ? ? ? 1_555 A MSE 30 N ? ? A LEU 29 A MSE 30 1_555 ? ? ? ? ? ? ? 1.329 ? ? 
covale2 covale both ? A MSE 30 C ? ? ? 1_555 A ALA 31 N ? ? A MSE 30 A ALA 31 1_555 ? ? ? ? ? ? ? 1.329 ? ? 
# 
_struct_conn_type.id          covale 
_struct_conn_type.criteria    ? 
_struct_conn_type.reference   ? 
# 
_pdbx_modification_feature.ordinal                            1 
_pdbx_modification_feature.label_comp_id                      MSE 
_pdbx_modification_feature.label_asym_id                      A 
_pdbx_modification_feature.label_seq_id                       30 
_pdbx_modification_feature.label_alt_id                       ? 
_pdbx_modification_feature.modified_residue_label_comp_id     . 
_pdbx_modification_feature.modified_residue_label_asym_id     . 
_pdbx_modification_feature.modified_residue_label_seq_id      . 
_pdbx_modification_feature.modified_residue_label_alt_id      . 
_pdbx_modification_feature.auth_comp_id                       MSE 
_pdbx_modification_feature.auth_asym_id                       A 
_pdbx_modification_feature.auth_seq_id                        30 
_pdbx_modification_feature.PDB_ins_code                       ? 
_pdbx_modification_feature.symmetry                           1_555 
_pdbx_modification_feature.modified_residue_auth_comp_id      . 
_pdbx_modification_feature.modified_residue_auth_asym_id      . 
_pdbx_modification_feature.modified_residue_auth_seq_id       . 
_pdbx_modification_feature.modified_residue_PDB_ins_code      . 
_pdbx_modification_feature.modified_residue_symmetry          . 
_pdbx_modification_feature.comp_id_linking_atom               . 
_pdbx_modification_feature.modified_residue_id_linking_atom   . 
_pdbx_modification_feature.modified_residue_id                MET 
_pdbx_modification_feature.ref_pcm_id                         1 
_pdbx_modification_feature.ref_comp_id                        MSE 
_pdbx_modification_feature.type                               Selenomethionine 
_pdbx_modification_feature.category                           'Named protein modification' 
# 
loop_
_struct_mon_prot_cis.pdbx_id 
_struct_mon_prot_cis.label_comp_id 
_struct_mon_prot_cis.label_seq_id 
_struct_mon_prot_cis.label_asym_id 
_struct_mon_prot_cis.label_alt_id 
_struct_mon_prot_cis.pdbx_PDB_ins_code 
_struct_mon_prot_cis.auth_comp_id 
_struct_mon_prot_cis.auth_seq_id 
_struct_mon_prot_cis.auth_asym_id 
_struct_mon_prot_cis.pdbx_label_comp_id_2 
_struct_mon_prot_cis.pdbx_label_seq_id_2 
_struct_mon_prot_cis.pdbx_label_asym_id_2 
_struct_mon_prot_cis.pdbx_PDB_ins_code_2 
_struct_mon_prot_cis.pdbx_auth_comp_id_2 
_struct_mon_prot_cis.pdbx_auth_seq_id_2 
_struct_mon_prot_cis.pdbx_auth_asym_id_2 
_struct_mon_prot_cis.pdbx_PDB_model_num 
_struct_mon_prot_cis.pdbx_omega_angle 
1 THR 17 A . ? THR 17 A PRO 18 A ? PRO 18 A 1 -0.38 
2 ARG 47 A . ? ARG 47 A PRO 48 A ? PRO 48 A 1 0.12  
# 
_struct_sheet.id               A 
_struct_sheet.type             ? 
_struct_sheet.number_strands   2 
_struct_sheet.details          ? 
# 
_struct_sheet_order.sheet_id     A 
_struct_sheet_order.range_id_1   1 
_struct_sheet_order.range_id_2   2 
_struct_sheet_order.offset       ? 
_struct_sheet_order.sense        parallel 
# 
loop_
_struct_sheet_range.sheet_id 
_struct_sheet_range.id 
_struct_sheet_range.beg_label_comp_id 
_struct_sheet_range.beg_label_asym_id 
_struct_sheet_range.beg_label_seq_id 
_struct_sheet_range.pdbx_beg_PDB_ins_code 
_struct_sheet_range.end_label_comp_id 
_struct_sheet_range.end_label_asym_id 
_struct_sheet_range.end_label_seq_id 
_struct_sheet_range.pdbx_end_PDB_ins_code 
_struct_sheet_range.beg_auth_comp_id 
_struct_sheet_range.beg_auth_asym_id 
_struct_sheet_range.beg_auth_seq_id 
_struct_sheet_range.end_auth_comp_id 
_struct_sheet_range.end_auth_asym_id 
_struct_sheet_range.end_auth_seq_id 
A 1 VAL A 19 ? SER A 20 ? VAL A 19 SER A 20 
A 2 LEU A 73 ? ARG A 74 ? LEU A 73 ARG A 74 
# 
_pdbx_struct_sheet_hbond.sheet_id                A 
_pdbx_struct_sheet_hbond.range_id_1              1 
_pdbx_struct_sheet_hbond.range_id_2              2 
_pdbx_struct_sheet_hbond.range_1_label_atom_id   N 
_pdbx_struct_sheet_hbond.range_1_label_comp_id   VAL 
_pdbx_struct_sheet_hbond.range_1_label_asym_id   A 
_pdbx_struct_sheet_hbond.range_1_label_seq_id    19 
_pdbx_struct_sheet_hbond.range_1_PDB_ins_code    ? 
_pdbx_struct_sheet_hbond.range_1_auth_atom_id    N 
_pdbx_struct_sheet_hbond.range_1_auth_comp_id    VAL 
_pdbx_struct_sheet_hbond.range_1_auth_asym_id    A 
_pdbx_struct_sheet_hbond.range_1_auth_seq_id     19 
_pdbx_struct_sheet_hbond.range_2_label_atom_id   O 
_pdbx_struct_sheet_hbond.range_2_label_comp_id   ARG 
_pdbx_struct_sheet_hbond.range_2_label_asym_id   A 
_pdbx_struct_sheet_hbond.range_2_label_seq_id    74 
_pdbx_struct_sheet_hbond.range_2_PDB_ins_code    ? 
_pdbx_struct_sheet_hbond.range_2_auth_atom_id    O 
_pdbx_struct_sheet_hbond.range_2_auth_comp_id    ARG 
_pdbx_struct_sheet_hbond.range_2_auth_asym_id    A 
_pdbx_struct_sheet_hbond.range_2_auth_seq_id     74 
# 
_pdbx_entry_details.entry_id                   2DUY 
_pdbx_entry_details.compound_details           ? 
_pdbx_entry_details.source_details             ? 
_pdbx_entry_details.nonpolymer_details         ? 
_pdbx_entry_details.sequence_details           ? 
_pdbx_entry_details.has_ligand_of_interest     ? 
_pdbx_entry_details.has_protein_modification   Y 
# 
_pdbx_SG_project.id                    1 
_pdbx_SG_project.project_name          'NPPSFA, National Project on Protein Structural and Functional Analyses' 
_pdbx_SG_project.full_name_of_center   'RIKEN Structural Genomics/Proteomics Initiative' 
_pdbx_SG_project.initial_of_center     RSGI 
# 
_pdbx_struct_mod_residue.id               1 
_pdbx_struct_mod_residue.label_asym_id    A 
_pdbx_struct_mod_residue.label_comp_id    MSE 
_pdbx_struct_mod_residue.label_seq_id     30 
_pdbx_struct_mod_residue.auth_asym_id     A 
_pdbx_struct_mod_residue.auth_comp_id     MSE 
_pdbx_struct_mod_residue.auth_seq_id      30 
_pdbx_struct_mod_residue.PDB_ins_code     ? 
_pdbx_struct_mod_residue.parent_comp_id   MET 
_pdbx_struct_mod_residue.details          SELENOMETHIONINE 
# 
loop_
_pdbx_struct_special_symmetry.id 
_pdbx_struct_special_symmetry.PDB_model_num 
_pdbx_struct_special_symmetry.auth_asym_id 
_pdbx_struct_special_symmetry.auth_comp_id 
_pdbx_struct_special_symmetry.auth_seq_id 
_pdbx_struct_special_symmetry.PDB_ins_code 
_pdbx_struct_special_symmetry.label_asym_id 
_pdbx_struct_special_symmetry.label_comp_id 
_pdbx_struct_special_symmetry.label_seq_id 
1 1 A CL  100 ? B CL  . 
2 1 A HOH 136 ? C HOH . 
# 
loop_
_pdbx_unobs_or_zero_occ_residues.id 
_pdbx_unobs_or_zero_occ_residues.PDB_model_num 
_pdbx_unobs_or_zero_occ_residues.polymer_flag 
_pdbx_unobs_or_zero_occ_residues.occupancy_flag 
_pdbx_unobs_or_zero_occ_residues.auth_asym_id 
_pdbx_unobs_or_zero_occ_residues.auth_comp_id 
_pdbx_unobs_or_zero_occ_residues.auth_seq_id 
_pdbx_unobs_or_zero_occ_residues.PDB_ins_code 
_pdbx_unobs_or_zero_occ_residues.label_asym_id 
_pdbx_unobs_or_zero_occ_residues.label_comp_id 
_pdbx_unobs_or_zero_occ_residues.label_seq_id 
1  1 Y 1 A MSE 1  ? A MSE 1  
2  1 Y 1 A ARG 2  ? A ARG 2  
3  1 Y 1 A VAL 3  ? A VAL 3  
4  1 Y 1 A GLU 4  ? A GLU 4  
5  1 Y 1 A ALA 5  ? A ALA 5  
6  1 Y 1 A LEU 6  ? A LEU 6  
7  1 Y 1 A GLY 7  ? A GLY 7  
8  1 Y 1 A LYS 8  ? A LYS 8  
9  1 Y 1 A VAL 9  ? A VAL 9  
10 1 Y 1 A ALA 10 ? A ALA 10 
# 
loop_
_chem_comp_atom.comp_id 
_chem_comp_atom.atom_id 
_chem_comp_atom.type_symbol 
_chem_comp_atom.pdbx_aromatic_flag 
_chem_comp_atom.pdbx_stereo_config 
_chem_comp_atom.pdbx_ordinal 
ALA N    N  N N 1   
ALA CA   C  N S 2   
ALA C    C  N N 3   
ALA O    O  N N 4   
ALA CB   C  N N 5   
ALA OXT  O  N N 6   
ALA H    H  N N 7   
ALA H2   H  N N 8   
ALA HA   H  N N 9   
ALA HB1  H  N N 10  
ALA HB2  H  N N 11  
ALA HB3  H  N N 12  
ALA HXT  H  N N 13  
ARG N    N  N N 14  
ARG CA   C  N S 15  
ARG C    C  N N 16  
ARG O    O  N N 17  
ARG CB   C  N N 18  
ARG CG   C  N N 19  
ARG CD   C  N N 20  
ARG NE   N  N N 21  
ARG CZ   C  N N 22  
ARG NH1  N  N N 23  
ARG NH2  N  N N 24  
ARG OXT  O  N N 25  
ARG H    H  N N 26  
ARG H2   H  N N 27  
ARG HA   H  N N 28  
ARG HB2  H  N N 29  
ARG HB3  H  N N 30  
ARG HG2  H  N N 31  
ARG HG3  H  N N 32  
ARG HD2  H  N N 33  
ARG HD3  H  N N 34  
ARG HE   H  N N 35  
ARG HH11 H  N N 36  
ARG HH12 H  N N 37  
ARG HH21 H  N N 38  
ARG HH22 H  N N 39  
ARG HXT  H  N N 40  
ASN N    N  N N 41  
ASN CA   C  N S 42  
ASN C    C  N N 43  
ASN O    O  N N 44  
ASN CB   C  N N 45  
ASN CG   C  N N 46  
ASN OD1  O  N N 47  
ASN ND2  N  N N 48  
ASN OXT  O  N N 49  
ASN H    H  N N 50  
ASN H2   H  N N 51  
ASN HA   H  N N 52  
ASN HB2  H  N N 53  
ASN HB3  H  N N 54  
ASN HD21 H  N N 55  
ASN HD22 H  N N 56  
ASN HXT  H  N N 57  
ASP N    N  N N 58  
ASP CA   C  N S 59  
ASP C    C  N N 60  
ASP O    O  N N 61  
ASP CB   C  N N 62  
ASP CG   C  N N 63  
ASP OD1  O  N N 64  
ASP OD2  O  N N 65  
ASP OXT  O  N N 66  
ASP H    H  N N 67  
ASP H2   H  N N 68  
ASP HA   H  N N 69  
ASP HB2  H  N N 70  
ASP HB3  H  N N 71  
ASP HD2  H  N N 72  
ASP HXT  H  N N 73  
CL  CL   CL N N 74  
GLN N    N  N N 75  
GLN CA   C  N S 76  
GLN C    C  N N 77  
GLN O    O  N N 78  
GLN CB   C  N N 79  
GLN CG   C  N N 80  
GLN CD   C  N N 81  
GLN OE1  O  N N 82  
GLN NE2  N  N N 83  
GLN OXT  O  N N 84  
GLN H    H  N N 85  
GLN H2   H  N N 86  
GLN HA   H  N N 87  
GLN HB2  H  N N 88  
GLN HB3  H  N N 89  
GLN HG2  H  N N 90  
GLN HG3  H  N N 91  
GLN HE21 H  N N 92  
GLN HE22 H  N N 93  
GLN HXT  H  N N 94  
GLU N    N  N N 95  
GLU CA   C  N S 96  
GLU C    C  N N 97  
GLU O    O  N N 98  
GLU CB   C  N N 99  
GLU CG   C  N N 100 
GLU CD   C  N N 101 
GLU OE1  O  N N 102 
GLU OE2  O  N N 103 
GLU OXT  O  N N 104 
GLU H    H  N N 105 
GLU H2   H  N N 106 
GLU HA   H  N N 107 
GLU HB2  H  N N 108 
GLU HB3  H  N N 109 
GLU HG2  H  N N 110 
GLU HG3  H  N N 111 
GLU HE2  H  N N 112 
GLU HXT  H  N N 113 
GLY N    N  N N 114 
GLY CA   C  N N 115 
GLY C    C  N N 116 
GLY O    O  N N 117 
GLY OXT  O  N N 118 
GLY H    H  N N 119 
GLY H2   H  N N 120 
GLY HA2  H  N N 121 
GLY HA3  H  N N 122 
GLY HXT  H  N N 123 
HOH O    O  N N 124 
HOH H1   H  N N 125 
HOH H2   H  N N 126 
ILE N    N  N N 127 
ILE CA   C  N S 128 
ILE C    C  N N 129 
ILE O    O  N N 130 
ILE CB   C  N S 131 
ILE CG1  C  N N 132 
ILE CG2  C  N N 133 
ILE CD1  C  N N 134 
ILE OXT  O  N N 135 
ILE H    H  N N 136 
ILE H2   H  N N 137 
ILE HA   H  N N 138 
ILE HB   H  N N 139 
ILE HG12 H  N N 140 
ILE HG13 H  N N 141 
ILE HG21 H  N N 142 
ILE HG22 H  N N 143 
ILE HG23 H  N N 144 
ILE HD11 H  N N 145 
ILE HD12 H  N N 146 
ILE HD13 H  N N 147 
ILE HXT  H  N N 148 
LEU N    N  N N 149 
LEU CA   C  N S 150 
LEU C    C  N N 151 
LEU O    O  N N 152 
LEU CB   C  N N 153 
LEU CG   C  N N 154 
LEU CD1  C  N N 155 
LEU CD2  C  N N 156 
LEU OXT  O  N N 157 
LEU H    H  N N 158 
LEU H2   H  N N 159 
LEU HA   H  N N 160 
LEU HB2  H  N N 161 
LEU HB3  H  N N 162 
LEU HG   H  N N 163 
LEU HD11 H  N N 164 
LEU HD12 H  N N 165 
LEU HD13 H  N N 166 
LEU HD21 H  N N 167 
LEU HD22 H  N N 168 
LEU HD23 H  N N 169 
LEU HXT  H  N N 170 
LYS N    N  N N 171 
LYS CA   C  N S 172 
LYS C    C  N N 173 
LYS O    O  N N 174 
LYS CB   C  N N 175 
LYS CG   C  N N 176 
LYS CD   C  N N 177 
LYS CE   C  N N 178 
LYS NZ   N  N N 179 
LYS OXT  O  N N 180 
LYS H    H  N N 181 
LYS H2   H  N N 182 
LYS HA   H  N N 183 
LYS HB2  H  N N 184 
LYS HB3  H  N N 185 
LYS HG2  H  N N 186 
LYS HG3  H  N N 187 
LYS HD2  H  N N 188 
LYS HD3  H  N N 189 
LYS HE2  H  N N 190 
LYS HE3  H  N N 191 
LYS HZ1  H  N N 192 
LYS HZ2  H  N N 193 
LYS HZ3  H  N N 194 
LYS HXT  H  N N 195 
MET N    N  N N 196 
MET CA   C  N S 197 
MET C    C  N N 198 
MET O    O  N N 199 
MET CB   C  N N 200 
MET CG   C  N N 201 
MET SD   S  N N 202 
MET CE   C  N N 203 
MET OXT  O  N N 204 
MET H    H  N N 205 
MET H2   H  N N 206 
MET HA   H  N N 207 
MET HB2  H  N N 208 
MET HB3  H  N N 209 
MET HG2  H  N N 210 
MET HG3  H  N N 211 
MET HE1  H  N N 212 
MET HE2  H  N N 213 
MET HE3  H  N N 214 
MET HXT  H  N N 215 
MSE N    N  N N 216 
MSE CA   C  N S 217 
MSE C    C  N N 218 
MSE O    O  N N 219 
MSE OXT  O  N N 220 
MSE CB   C  N N 221 
MSE CG   C  N N 222 
MSE SE   SE N N 223 
MSE CE   C  N N 224 
MSE H    H  N N 225 
MSE H2   H  N N 226 
MSE HA   H  N N 227 
MSE HXT  H  N N 228 
MSE HB2  H  N N 229 
MSE HB3  H  N N 230 
MSE HG2  H  N N 231 
MSE HG3  H  N N 232 
MSE HE1  H  N N 233 
MSE HE2  H  N N 234 
MSE HE3  H  N N 235 
PRO N    N  N N 236 
PRO CA   C  N S 237 
PRO C    C  N N 238 
PRO O    O  N N 239 
PRO CB   C  N N 240 
PRO CG   C  N N 241 
PRO CD   C  N N 242 
PRO OXT  O  N N 243 
PRO H    H  N N 244 
PRO HA   H  N N 245 
PRO HB2  H  N N 246 
PRO HB3  H  N N 247 
PRO HG2  H  N N 248 
PRO HG3  H  N N 249 
PRO HD2  H  N N 250 
PRO HD3  H  N N 251 
PRO HXT  H  N N 252 
SER N    N  N N 253 
SER CA   C  N S 254 
SER C    C  N N 255 
SER O    O  N N 256 
SER CB   C  N N 257 
SER OG   O  N N 258 
SER OXT  O  N N 259 
SER H    H  N N 260 
SER H2   H  N N 261 
SER HA   H  N N 262 
SER HB2  H  N N 263 
SER HB3  H  N N 264 
SER HG   H  N N 265 
SER HXT  H  N N 266 
THR N    N  N N 267 
THR CA   C  N S 268 
THR C    C  N N 269 
THR O    O  N N 270 
THR CB   C  N R 271 
THR OG1  O  N N 272 
THR CG2  C  N N 273 
THR OXT  O  N N 274 
THR H    H  N N 275 
THR H2   H  N N 276 
THR HA   H  N N 277 
THR HB   H  N N 278 
THR HG1  H  N N 279 
THR HG21 H  N N 280 
THR HG22 H  N N 281 
THR HG23 H  N N 282 
THR HXT  H  N N 283 
TYR N    N  N N 284 
TYR CA   C  N S 285 
TYR C    C  N N 286 
TYR O    O  N N 287 
TYR CB   C  N N 288 
TYR CG   C  Y N 289 
TYR CD1  C  Y N 290 
TYR CD2  C  Y N 291 
TYR CE1  C  Y N 292 
TYR CE2  C  Y N 293 
TYR CZ   C  Y N 294 
TYR OH   O  N N 295 
TYR OXT  O  N N 296 
TYR H    H  N N 297 
TYR H2   H  N N 298 
TYR HA   H  N N 299 
TYR HB2  H  N N 300 
TYR HB3  H  N N 301 
TYR HD1  H  N N 302 
TYR HD2  H  N N 303 
TYR HE1  H  N N 304 
TYR HE2  H  N N 305 
TYR HH   H  N N 306 
TYR HXT  H  N N 307 
VAL N    N  N N 308 
VAL CA   C  N S 309 
VAL C    C  N N 310 
VAL O    O  N N 311 
VAL CB   C  N N 312 
VAL CG1  C  N N 313 
VAL CG2  C  N N 314 
VAL OXT  O  N N 315 
VAL H    H  N N 316 
VAL H2   H  N N 317 
VAL HA   H  N N 318 
VAL HB   H  N N 319 
VAL HG11 H  N N 320 
VAL HG12 H  N N 321 
VAL HG13 H  N N 322 
VAL HG21 H  N N 323 
VAL HG22 H  N N 324 
VAL HG23 H  N N 325 
VAL HXT  H  N N 326 
# 
loop_
_chem_comp_bond.comp_id 
_chem_comp_bond.atom_id_1 
_chem_comp_bond.atom_id_2 
_chem_comp_bond.value_order 
_chem_comp_bond.pdbx_aromatic_flag 
_chem_comp_bond.pdbx_stereo_config 
_chem_comp_bond.pdbx_ordinal 
ALA N   CA   sing N N 1   
ALA N   H    sing N N 2   
ALA N   H2   sing N N 3   
ALA CA  C    sing N N 4   
ALA CA  CB   sing N N 5   
ALA CA  HA   sing N N 6   
ALA C   O    doub N N 7   
ALA C   OXT  sing N N 8   
ALA CB  HB1  sing N N 9   
ALA CB  HB2  sing N N 10  
ALA CB  HB3  sing N N 11  
ALA OXT HXT  sing N N 12  
ARG N   CA   sing N N 13  
ARG N   H    sing N N 14  
ARG N   H2   sing N N 15  
ARG CA  C    sing N N 16  
ARG CA  CB   sing N N 17  
ARG CA  HA   sing N N 18  
ARG C   O    doub N N 19  
ARG C   OXT  sing N N 20  
ARG CB  CG   sing N N 21  
ARG CB  HB2  sing N N 22  
ARG CB  HB3  sing N N 23  
ARG CG  CD   sing N N 24  
ARG CG  HG2  sing N N 25  
ARG CG  HG3  sing N N 26  
ARG CD  NE   sing N N 27  
ARG CD  HD2  sing N N 28  
ARG CD  HD3  sing N N 29  
ARG NE  CZ   sing N N 30  
ARG NE  HE   sing N N 31  
ARG CZ  NH1  sing N N 32  
ARG CZ  NH2  doub N N 33  
ARG NH1 HH11 sing N N 34  
ARG NH1 HH12 sing N N 35  
ARG NH2 HH21 sing N N 36  
ARG NH2 HH22 sing N N 37  
ARG OXT HXT  sing N N 38  
ASN N   CA   sing N N 39  
ASN N   H    sing N N 40  
ASN N   H2   sing N N 41  
ASN CA  C    sing N N 42  
ASN CA  CB   sing N N 43  
ASN CA  HA   sing N N 44  
ASN C   O    doub N N 45  
ASN C   OXT  sing N N 46  
ASN CB  CG   sing N N 47  
ASN CB  HB2  sing N N 48  
ASN CB  HB3  sing N N 49  
ASN CG  OD1  doub N N 50  
ASN CG  ND2  sing N N 51  
ASN ND2 HD21 sing N N 52  
ASN ND2 HD22 sing N N 53  
ASN OXT HXT  sing N N 54  
ASP N   CA   sing N N 55  
ASP N   H    sing N N 56  
ASP N   H2   sing N N 57  
ASP CA  C    sing N N 58  
ASP CA  CB   sing N N 59  
ASP CA  HA   sing N N 60  
ASP C   O    doub N N 61  
ASP C   OXT  sing N N 62  
ASP CB  CG   sing N N 63  
ASP CB  HB2  sing N N 64  
ASP CB  HB3  sing N N 65  
ASP CG  OD1  doub N N 66  
ASP CG  OD2  sing N N 67  
ASP OD2 HD2  sing N N 68  
ASP OXT HXT  sing N N 69  
GLN N   CA   sing N N 70  
GLN N   H    sing N N 71  
GLN N   H2   sing N N 72  
GLN CA  C    sing N N 73  
GLN CA  CB   sing N N 74  
GLN CA  HA   sing N N 75  
GLN C   O    doub N N 76  
GLN C   OXT  sing N N 77  
GLN CB  CG   sing N N 78  
GLN CB  HB2  sing N N 79  
GLN CB  HB3  sing N N 80  
GLN CG  CD   sing N N 81  
GLN CG  HG2  sing N N 82  
GLN CG  HG3  sing N N 83  
GLN CD  OE1  doub N N 84  
GLN CD  NE2  sing N N 85  
GLN NE2 HE21 sing N N 86  
GLN NE2 HE22 sing N N 87  
GLN OXT HXT  sing N N 88  
GLU N   CA   sing N N 89  
GLU N   H    sing N N 90  
GLU N   H2   sing N N 91  
GLU CA  C    sing N N 92  
GLU CA  CB   sing N N 93  
GLU CA  HA   sing N N 94  
GLU C   O    doub N N 95  
GLU C   OXT  sing N N 96  
GLU CB  CG   sing N N 97  
GLU CB  HB2  sing N N 98  
GLU CB  HB3  sing N N 99  
GLU CG  CD   sing N N 100 
GLU CG  HG2  sing N N 101 
GLU CG  HG3  sing N N 102 
GLU CD  OE1  doub N N 103 
GLU CD  OE2  sing N N 104 
GLU OE2 HE2  sing N N 105 
GLU OXT HXT  sing N N 106 
GLY N   CA   sing N N 107 
GLY N   H    sing N N 108 
GLY N   H2   sing N N 109 
GLY CA  C    sing N N 110 
GLY CA  HA2  sing N N 111 
GLY CA  HA3  sing N N 112 
GLY C   O    doub N N 113 
GLY C   OXT  sing N N 114 
GLY OXT HXT  sing N N 115 
HOH O   H1   sing N N 116 
HOH O   H2   sing N N 117 
ILE N   CA   sing N N 118 
ILE N   H    sing N N 119 
ILE N   H2   sing N N 120 
ILE CA  C    sing N N 121 
ILE CA  CB   sing N N 122 
ILE CA  HA   sing N N 123 
ILE C   O    doub N N 124 
ILE C   OXT  sing N N 125 
ILE CB  CG1  sing N N 126 
ILE CB  CG2  sing N N 127 
ILE CB  HB   sing N N 128 
ILE CG1 CD1  sing N N 129 
ILE CG1 HG12 sing N N 130 
ILE CG1 HG13 sing N N 131 
ILE CG2 HG21 sing N N 132 
ILE CG2 HG22 sing N N 133 
ILE CG2 HG23 sing N N 134 
ILE CD1 HD11 sing N N 135 
ILE CD1 HD12 sing N N 136 
ILE CD1 HD13 sing N N 137 
ILE OXT HXT  sing N N 138 
LEU N   CA   sing N N 139 
LEU N   H    sing N N 140 
LEU N   H2   sing N N 141 
LEU CA  C    sing N N 142 
LEU CA  CB   sing N N 143 
LEU CA  HA   sing N N 144 
LEU C   O    doub N N 145 
LEU C   OXT  sing N N 146 
LEU CB  CG   sing N N 147 
LEU CB  HB2  sing N N 148 
LEU CB  HB3  sing N N 149 
LEU CG  CD1  sing N N 150 
LEU CG  CD2  sing N N 151 
LEU CG  HG   sing N N 152 
LEU CD1 HD11 sing N N 153 
LEU CD1 HD12 sing N N 154 
LEU CD1 HD13 sing N N 155 
LEU CD2 HD21 sing N N 156 
LEU CD2 HD22 sing N N 157 
LEU CD2 HD23 sing N N 158 
LEU OXT HXT  sing N N 159 
LYS N   CA   sing N N 160 
LYS N   H    sing N N 161 
LYS N   H2   sing N N 162 
LYS CA  C    sing N N 163 
LYS CA  CB   sing N N 164 
LYS CA  HA   sing N N 165 
LYS C   O    doub N N 166 
LYS C   OXT  sing N N 167 
LYS CB  CG   sing N N 168 
LYS CB  HB2  sing N N 169 
LYS CB  HB3  sing N N 170 
LYS CG  CD   sing N N 171 
LYS CG  HG2  sing N N 172 
LYS CG  HG3  sing N N 173 
LYS CD  CE   sing N N 174 
LYS CD  HD2  sing N N 175 
LYS CD  HD3  sing N N 176 
LYS CE  NZ   sing N N 177 
LYS CE  HE2  sing N N 178 
LYS CE  HE3  sing N N 179 
LYS NZ  HZ1  sing N N 180 
LYS NZ  HZ2  sing N N 181 
LYS NZ  HZ3  sing N N 182 
LYS OXT HXT  sing N N 183 
MET N   CA   sing N N 184 
MET N   H    sing N N 185 
MET N   H2   sing N N 186 
MET CA  C    sing N N 187 
MET CA  CB   sing N N 188 
MET CA  HA   sing N N 189 
MET C   O    doub N N 190 
MET C   OXT  sing N N 191 
MET CB  CG   sing N N 192 
MET CB  HB2  sing N N 193 
MET CB  HB3  sing N N 194 
MET CG  SD   sing N N 195 
MET CG  HG2  sing N N 196 
MET CG  HG3  sing N N 197 
MET SD  CE   sing N N 198 
MET CE  HE1  sing N N 199 
MET CE  HE2  sing N N 200 
MET CE  HE3  sing N N 201 
MET OXT HXT  sing N N 202 
MSE N   CA   sing N N 203 
MSE N   H    sing N N 204 
MSE N   H2   sing N N 205 
MSE CA  C    sing N N 206 
MSE CA  CB   sing N N 207 
MSE CA  HA   sing N N 208 
MSE C   O    doub N N 209 
MSE C   OXT  sing N N 210 
MSE OXT HXT  sing N N 211 
MSE CB  CG   sing N N 212 
MSE CB  HB2  sing N N 213 
MSE CB  HB3  sing N N 214 
MSE CG  SE   sing N N 215 
MSE CG  HG2  sing N N 216 
MSE CG  HG3  sing N N 217 
MSE SE  CE   sing N N 218 
MSE CE  HE1  sing N N 219 
MSE CE  HE2  sing N N 220 
MSE CE  HE3  sing N N 221 
PRO N   CA   sing N N 222 
PRO N   CD   sing N N 223 
PRO N   H    sing N N 224 
PRO CA  C    sing N N 225 
PRO CA  CB   sing N N 226 
PRO CA  HA   sing N N 227 
PRO C   O    doub N N 228 
PRO C   OXT  sing N N 229 
PRO CB  CG   sing N N 230 
PRO CB  HB2  sing N N 231 
PRO CB  HB3  sing N N 232 
PRO CG  CD   sing N N 233 
PRO CG  HG2  sing N N 234 
PRO CG  HG3  sing N N 235 
PRO CD  HD2  sing N N 236 
PRO CD  HD3  sing N N 237 
PRO OXT HXT  sing N N 238 
SER N   CA   sing N N 239 
SER N   H    sing N N 240 
SER N   H2   sing N N 241 
SER CA  C    sing N N 242 
SER CA  CB   sing N N 243 
SER CA  HA   sing N N 244 
SER C   O    doub N N 245 
SER C   OXT  sing N N 246 
SER CB  OG   sing N N 247 
SER CB  HB2  sing N N 248 
SER CB  HB3  sing N N 249 
SER OG  HG   sing N N 250 
SER OXT HXT  sing N N 251 
THR N   CA   sing N N 252 
THR N   H    sing N N 253 
THR N   H2   sing N N 254 
THR CA  C    sing N N 255 
THR CA  CB   sing N N 256 
THR CA  HA   sing N N 257 
THR C   O    doub N N 258 
THR C   OXT  sing N N 259 
THR CB  OG1  sing N N 260 
THR CB  CG2  sing N N 261 
THR CB  HB   sing N N 262 
THR OG1 HG1  sing N N 263 
THR CG2 HG21 sing N N 264 
THR CG2 HG22 sing N N 265 
THR CG2 HG23 sing N N 266 
THR OXT HXT  sing N N 267 
TYR N   CA   sing N N 268 
TYR N   H    sing N N 269 
TYR N   H2   sing N N 270 
TYR CA  C    sing N N 271 
TYR CA  CB   sing N N 272 
TYR CA  HA   sing N N 273 
TYR C   O    doub N N 274 
TYR C   OXT  sing N N 275 
TYR CB  CG   sing N N 276 
TYR CB  HB2  sing N N 277 
TYR CB  HB3  sing N N 278 
TYR CG  CD1  doub Y N 279 
TYR CG  CD2  sing Y N 280 
TYR CD1 CE1  sing Y N 281 
TYR CD1 HD1  sing N N 282 
TYR CD2 CE2  doub Y N 283 
TYR CD2 HD2  sing N N 284 
TYR CE1 CZ   doub Y N 285 
TYR CE1 HE1  sing N N 286 
TYR CE2 CZ   sing Y N 287 
TYR CE2 HE2  sing N N 288 
TYR CZ  OH   sing N N 289 
TYR OH  HH   sing N N 290 
TYR OXT HXT  sing N N 291 
VAL N   CA   sing N N 292 
VAL N   H    sing N N 293 
VAL N   H2   sing N N 294 
VAL CA  C    sing N N 295 
VAL CA  CB   sing N N 296 
VAL CA  HA   sing N N 297 
VAL C   O    doub N N 298 
VAL C   OXT  sing N N 299 
VAL CB  CG1  sing N N 300 
VAL CB  CG2  sing N N 301 
VAL CB  HB   sing N N 302 
VAL CG1 HG11 sing N N 303 
VAL CG1 HG12 sing N N 304 
VAL CG1 HG13 sing N N 305 
VAL CG2 HG21 sing N N 306 
VAL CG2 HG22 sing N N 307 
VAL CG2 HG23 sing N N 308 
VAL OXT HXT  sing N N 309 
# 
_atom_sites.entry_id                    2DUY 
_atom_sites.fract_transf_matrix[1][1]   0.01022181 
_atom_sites.fract_transf_matrix[1][2]   -0.02108393 
_atom_sites.fract_transf_matrix[1][3]   0.00105812 
_atom_sites.fract_transf_matrix[2][1]   -0.00117452 
_atom_sites.fract_transf_matrix[2][2]   -0.00174181 
_atom_sites.fract_transf_matrix[2][3]   -0.02336073 
_atom_sites.fract_transf_matrix[3][1]   0.01671753 
_atom_sites.fract_transf_matrix[3][2]   0.00803267 
_atom_sites.fract_transf_matrix[3][3]   -0.00143945 
_atom_sites.fract_transf_vector[1]      0.859482 
_atom_sites.fract_transf_vector[2]      0.786798 
_atom_sites.fract_transf_vector[3]      0.294258 
# 
loop_
_atom_type.symbol 
C  
CL 
N  
O  
SE 
# 
loop_
_atom_site.group_PDB 
_atom_site.id 
_atom_site.type_symbol 
_atom_site.label_atom_id 
_atom_site.label_alt_id 
_atom_site.label_comp_id 
_atom_site.label_asym_id 
_atom_site.label_entity_id 
_atom_site.label_seq_id 
_atom_site.pdbx_PDB_ins_code 
_atom_site.Cartn_x 
_atom_site.Cartn_y 
_atom_site.Cartn_z 
_atom_site.occupancy 
_atom_site.B_iso_or_equiv 
_atom_site.pdbx_formal_charge 
_atom_site.auth_seq_id 
_atom_site.auth_comp_id 
_atom_site.auth_asym_id 
_atom_site.auth_atom_id 
_atom_site.pdbx_PDB_model_num 
ATOM   1   N  N   . PRO A 1 11 ? -12.232 -0.815  -8.125  1.00 53.51 ? 11  PRO A N   1 
ATOM   2   C  CA  . PRO A 1 11 ? -11.917 0.398   -8.936  1.00 52.63 ? 11  PRO A CA  1 
ATOM   3   C  C   . PRO A 1 11 ? -11.373 1.517   -8.059  1.00 52.33 ? 11  PRO A C   1 
ATOM   4   O  O   . PRO A 1 11 ? -12.127 2.180   -7.345  1.00 52.73 ? 11  PRO A O   1 
ATOM   5   C  CB  . PRO A 1 11 ? -13.164 0.875   -9.671  1.00 52.13 ? 11  PRO A CB  1 
ATOM   6   N  N   . LEU A 1 12 ? -10.059 1.718   -8.115  1.00 51.59 ? 12  LEU A N   1 
ATOM   7   C  CA  . LEU A 1 12 ? -9.398  2.762   -7.341  1.00 50.24 ? 12  LEU A CA  1 
ATOM   8   C  C   . LEU A 1 12 ? -9.612  4.091   -8.062  1.00 48.97 ? 12  LEU A C   1 
ATOM   9   O  O   . LEU A 1 12 ? -8.984  4.356   -9.089  1.00 48.79 ? 12  LEU A O   1 
ATOM   10  C  CB  . LEU A 1 12 ? -7.897  2.477   -7.238  1.00 51.05 ? 12  LEU A CB  1 
ATOM   11  C  CG  . LEU A 1 12 ? -7.099  3.185   -6.136  1.00 51.28 ? 12  LEU A CG  1 
ATOM   12  C  CD1 . LEU A 1 12 ? -5.621  2.902   -6.342  1.00 51.60 ? 12  LEU A CD1 1 
ATOM   13  C  CD2 . LEU A 1 12 ? -7.358  4.681   -6.156  1.00 51.59 ? 12  LEU A CD2 1 
ATOM   14  N  N   . PRO A 1 13 ? -10.499 4.946   -7.529  1.00 47.59 ? 13  PRO A N   1 
ATOM   15  C  CA  . PRO A 1 13 ? -10.777 6.244   -8.147  1.00 45.69 ? 13  PRO A CA  1 
ATOM   16  C  C   . PRO A 1 13 ? -9.576  7.180   -8.147  1.00 43.27 ? 13  PRO A C   1 
ATOM   17  O  O   . PRO A 1 13 ? -8.753  7.155   -7.235  1.00 43.32 ? 13  PRO A O   1 
ATOM   18  C  CB  . PRO A 1 13 ? -11.937 6.779   -7.312  1.00 46.51 ? 13  PRO A CB  1 
ATOM   19  C  CG  . PRO A 1 13 ? -11.652 6.215   -5.961  1.00 47.60 ? 13  PRO A CG  1 
ATOM   20  C  CD  . PRO A 1 13 ? -11.258 4.791   -6.274  1.00 47.97 ? 13  PRO A CD  1 
ATOM   21  N  N   . GLN A 1 14 ? -9.490  8.004   -9.186  1.00 40.53 ? 14  GLN A N   1 
ATOM   22  C  CA  . GLN A 1 14 ? -8.405  8.965   -9.346  1.00 37.55 ? 14  GLN A CA  1 
ATOM   23  C  C   . GLN A 1 14 ? -8.321  9.974   -8.208  1.00 37.54 ? 14  GLN A C   1 
ATOM   24  O  O   . GLN A 1 14 ? -7.235  10.441  -7.855  1.00 36.39 ? 14  GLN A O   1 
ATOM   25  C  CB  . GLN A 1 14 ? -8.581  9.701   -10.671 1.00 34.27 ? 14  GLN A CB  1 
ATOM   26  C  CG  . GLN A 1 14 ? -8.178  8.886   -11.877 1.00 30.47 ? 14  GLN A CG  1 
ATOM   27  C  CD  . GLN A 1 14 ? -6.711  9.052   -12.208 1.00 28.47 ? 14  GLN A CD  1 
ATOM   28  O  OE1 . GLN A 1 14 ? -6.298  10.094  -12.706 1.00 24.63 ? 14  GLN A OE1 1 
ATOM   29  N  NE2 . GLN A 1 14 ? -5.916  8.027   -11.925 1.00 26.28 ? 14  GLN A NE2 1 
ATOM   30  N  N   . ALA A 1 15 ? -9.473  10.308  -7.634  1.00 38.21 ? 15  ALA A N   1 
ATOM   31  C  CA  . ALA A 1 15 ? -9.535  11.276  -6.545  1.00 39.53 ? 15  ALA A CA  1 
ATOM   32  C  C   . ALA A 1 15 ? -8.927  10.770  -5.234  1.00 39.79 ? 15  ALA A C   1 
ATOM   33  O  O   . ALA A 1 15 ? -8.870  11.505  -4.249  1.00 41.03 ? 15  ALA A O   1 
ATOM   34  C  CB  . ALA A 1 15 ? -10.984 11.700  -6.320  1.00 39.97 ? 15  ALA A CB  1 
ATOM   35  N  N   . GLN A 1 16 ? -8.466  9.525   -5.216  1.00 40.51 ? 16  GLN A N   1 
ATOM   36  C  CA  . GLN A 1 16 ? -7.885  8.968   -3.997  1.00 41.01 ? 16  GLN A CA  1 
ATOM   37  C  C   . GLN A 1 16 ? -6.401  8.638   -4.145  1.00 38.85 ? 16  GLN A C   1 
ATOM   38  O  O   . GLN A 1 16 ? -5.789  8.071   -3.236  1.00 38.68 ? 16  GLN A O   1 
ATOM   39  C  CB  . GLN A 1 16 ? -8.655  7.709   -3.577  1.00 44.25 ? 16  GLN A CB  1 
ATOM   40  C  CG  . GLN A 1 16 ? -10.136 7.946   -3.317  1.00 48.58 ? 16  GLN A CG  1 
ATOM   41  C  CD  . GLN A 1 16 ? -10.890 6.673   -2.970  1.00 51.04 ? 16  GLN A CD  1 
ATOM   42  O  OE1 . GLN A 1 16 ? -12.114 6.685   -2.826  1.00 53.67 ? 16  GLN A OE1 1 
ATOM   43  N  NE2 . GLN A 1 16 ? -10.165 5.568   -2.836  1.00 53.02 ? 16  GLN A NE2 1 
ATOM   44  N  N   . THR A 1 17 ? -5.825  9.014   -5.282  1.00 35.60 ? 17  THR A N   1 
ATOM   45  C  CA  . THR A 1 17 ? -4.418  8.744   -5.565  1.00 31.76 ? 17  THR A CA  1 
ATOM   46  C  C   . THR A 1 17 ? -3.598  10.028  -5.622  1.00 29.63 ? 17  THR A C   1 
ATOM   47  O  O   . THR A 1 17 ? -4.115  11.075  -6.009  1.00 29.94 ? 17  THR A O   1 
ATOM   48  C  CB  . THR A 1 17 ? -4.276  8.055   -6.922  1.00 33.31 ? 17  THR A CB  1 
ATOM   49  O  OG1 . THR A 1 17 ? -4.806  8.918   -7.934  1.00 33.64 ? 17  THR A OG1 1 
ATOM   50  C  CG2 . THR A 1 17 ? -5.038  6.737   -6.944  1.00 32.51 ? 17  THR A CG2 1 
ATOM   51  N  N   . PRO A 1 18 ? -2.312  9.969   -5.224  1.00 26.97 ? 18  PRO A N   1 
ATOM   52  C  CA  . PRO A 1 18 ? -1.630  8.766   -4.728  1.00 25.46 ? 18  PRO A CA  1 
ATOM   53  C  C   . PRO A 1 18 ? -2.162  8.400   -3.340  1.00 25.57 ? 18  PRO A C   1 
ATOM   54  O  O   . PRO A 1 18 ? -2.508  9.284   -2.557  1.00 26.11 ? 18  PRO A O   1 
ATOM   55  C  CB  . PRO A 1 18 ? -0.162  9.193   -4.680  1.00 26.21 ? 18  PRO A CB  1 
ATOM   56  C  CG  . PRO A 1 18 ? -0.071  10.228  -5.771  1.00 27.02 ? 18  PRO A CG  1 
ATOM   57  C  CD  . PRO A 1 18 ? -1.334  11.026  -5.535  1.00 27.45 ? 18  PRO A CD  1 
ATOM   58  N  N   . VAL A 1 19 ? -2.220  7.105   -3.047  1.00 23.18 ? 19  VAL A N   1 
ATOM   59  C  CA  . VAL A 1 19 ? -2.715  6.614   -1.759  1.00 21.67 ? 19  VAL A CA  1 
ATOM   60  C  C   . VAL A 1 19 ? -1.593  6.656   -0.721  1.00 21.15 ? 19  VAL A C   1 
ATOM   61  O  O   . VAL A 1 19 ? -0.481  6.202   -0.999  1.00 19.11 ? 19  VAL A O   1 
ATOM   62  C  CB  . VAL A 1 19 ? -3.224  5.159   -1.891  1.00 23.74 ? 19  VAL A CB  1 
ATOM   63  C  CG1 . VAL A 1 19 ? -3.671  4.632   -0.536  1.00 24.18 ? 19  VAL A CG1 1 
ATOM   64  C  CG2 . VAL A 1 19 ? -4.379  5.097   -2.888  1.00 25.41 ? 19  VAL A CG2 1 
ATOM   65  N  N   . SER A 1 20 ? -1.892  7.200   0.461   1.00 19.92 ? 20  SER A N   1 
ATOM   66  C  CA  . SER A 1 20 ? -0.916  7.311   1.551   1.00 18.83 ? 20  SER A CA  1 
ATOM   67  C  C   . SER A 1 20 ? -0.772  6.007   2.333   1.00 18.65 ? 20  SER A C   1 
ATOM   68  O  O   . SER A 1 20 ? -1.751  5.509   2.892   1.00 17.63 ? 20  SER A O   1 
ATOM   69  C  CB  . SER A 1 20 ? -1.335  8.414   2.527   1.00 20.29 ? 20  SER A CB  1 
ATOM   70  O  OG  . SER A 1 20 ? -0.532  8.378   3.701   1.00 18.49 ? 20  SER A OG  1 
ATOM   71  N  N   . LEU A 1 21 ? 0.444   5.465   2.383   1.00 14.87 ? 21  LEU A N   1 
ATOM   72  C  CA  . LEU A 1 21 ? 0.681   4.226   3.107   1.00 15.38 ? 21  LEU A CA  1 
ATOM   73  C  C   . LEU A 1 21 ? 0.388   4.404   4.584   1.00 14.75 ? 21  LEU A C   1 
ATOM   74  O  O   . LEU A 1 21 ? -0.055  3.472   5.237   1.00 15.04 ? 21  LEU A O   1 
ATOM   75  C  CB  . LEU A 1 21 ? 2.138   3.742   2.948   1.00 15.14 ? 21  LEU A CB  1 
ATOM   76  C  CG  . LEU A 1 21 ? 2.495   3.186   1.566   1.00 19.43 ? 21  LEU A CG  1 
ATOM   77  C  CD1 . LEU A 1 21 ? 3.954   2.800   1.530   1.00 19.04 ? 21  LEU A CD1 1 
ATOM   78  C  CD2 . LEU A 1 21 ? 1.612   1.974   1.259   1.00 19.80 ? 21  LEU A CD2 1 
ATOM   79  N  N   . ASN A 1 22 ? 0.618   5.610   5.089   1.00 15.93 ? 22  ASN A N   1 
ATOM   80  C  CA  . ASN A 1 22 ? 0.419   5.907   6.505   1.00 14.67 ? 22  ASN A CA  1 
ATOM   81  C  C   . ASN A 1 22 ? -0.984  6.301   6.930   1.00 16.55 ? 22  ASN A C   1 
ATOM   82  O  O   . ASN A 1 22 ? -1.374  6.080   8.082   1.00 16.53 ? 22  ASN A O   1 
ATOM   83  C  CB  . ASN A 1 22 ? 1.355   7.037   6.938   1.00 15.36 ? 22  ASN A CB  1 
ATOM   84  C  CG  . ASN A 1 22 ? 2.783   6.577   7.102   1.00 15.46 ? 22  ASN A CG  1 
ATOM   85  O  OD1 . ASN A 1 22 ? 3.035   5.424   7.451   1.00 15.65 ? 22  ASN A OD1 1 
ATOM   86  N  ND2 . ASN A 1 22 ? 3.732   7.488   6.881   1.00 15.53 ? 22  ASN A ND2 1 
ATOM   87  N  N   . GLU A 1 23 ? -1.748  6.869   6.008   1.00 16.94 ? 23  GLU A N   1 
ATOM   88  C  CA  . GLU A 1 23 ? -3.071  7.361   6.362   1.00 17.40 ? 23  GLU A CA  1 
ATOM   89  C  C   . GLU A 1 23 ? -4.301  6.688   5.760   1.00 18.08 ? 23  GLU A C   1 
ATOM   90  O  O   . GLU A 1 23 ? -5.420  6.938   6.207   1.00 19.41 ? 23  GLU A O   1 
ATOM   91  C  CB  . GLU A 1 23 ? -3.100  8.868   6.083   1.00 20.45 ? 23  GLU A CB  1 
ATOM   92  C  CG  . GLU A 1 23 ? -1.943  9.615   6.749   1.00 27.87 ? 23  GLU A CG  1 
ATOM   93  C  CD  . GLU A 1 23 ? -1.922  11.095  6.417   1.00 34.33 ? 23  GLU A CD  1 
ATOM   94  O  OE1 . GLU A 1 23 ? -2.068  11.435  5.225   1.00 38.63 ? 23  GLU A OE1 1 
ATOM   95  O  OE2 . GLU A 1 23 ? -1.746  11.916  7.346   1.00 38.08 ? 23  GLU A OE2 1 
ATOM   96  N  N   . ALA A 1 24 ? -4.116  5.836   4.761   1.00 16.19 ? 24  ALA A N   1 
ATOM   97  C  CA  . ALA A 1 24 ? -5.258  5.163   4.141   1.00 19.00 ? 24  ALA A CA  1 
ATOM   98  C  C   . ALA A 1 24 ? -5.966  4.185   5.072   1.00 18.45 ? 24  ALA A C   1 
ATOM   99  O  O   . ALA A 1 24 ? -5.355  3.615   5.974   1.00 19.03 ? 24  ALA A O   1 
ATOM   100 C  CB  . ALA A 1 24 ? -4.802  4.429   2.894   1.00 20.06 ? 24  ALA A CB  1 
ATOM   101 N  N   . SER A 1 25 ? -7.263  3.994   4.839   1.00 20.14 ? 25  SER A N   1 
ATOM   102 C  CA  . SER A 1 25 ? -8.071  3.056   5.611   1.00 19.29 ? 25  SER A CA  1 
ATOM   103 C  C   . SER A 1 25 ? -7.846  1.693   4.962   1.00 19.87 ? 25  SER A C   1 
ATOM   104 O  O   . SER A 1 25 ? -7.300  1.618   3.866   1.00 21.52 ? 25  SER A O   1 
ATOM   105 C  CB  . SER A 1 25 ? -9.547  3.401   5.483   1.00 19.50 ? 25  SER A CB  1 
ATOM   106 O  OG  . SER A 1 25 ? -9.969  3.168   4.154   1.00 20.08 ? 25  SER A OG  1 
ATOM   107 N  N   . LEU A 1 26 ? -8.286  0.626   5.619   1.00 20.82 ? 26  LEU A N   1 
ATOM   108 C  CA  . LEU A 1 26 ? -8.103  -0.714  5.070   1.00 20.16 ? 26  LEU A CA  1 
ATOM   109 C  C   . LEU A 1 26 ? -8.708  -0.837  3.672   1.00 21.40 ? 26  LEU A C   1 
ATOM   110 O  O   . LEU A 1 26 ? -8.081  -1.385  2.770   1.00 20.76 ? 26  LEU A O   1 
ATOM   111 C  CB  . LEU A 1 26 ? -8.736  -1.763  5.983   1.00 20.18 ? 26  LEU A CB  1 
ATOM   112 C  CG  . LEU A 1 26 ? -8.308  -3.196  5.660   1.00 20.61 ? 26  LEU A CG  1 
ATOM   113 C  CD1 . LEU A 1 26 ? -6.920  -3.467  6.264   1.00 21.00 ? 26  LEU A CD1 1 
ATOM   114 C  CD2 . LEU A 1 26 ? -9.336  -4.175  6.199   1.00 22.12 ? 26  LEU A CD2 1 
ATOM   115 N  N   . GLU A 1 27 ? -9.929  -0.326  3.508   1.00 22.45 ? 27  GLU A N   1 
ATOM   116 C  CA  . GLU A 1 27 ? -10.647 -0.379  2.231   1.00 25.14 ? 27  GLU A CA  1 
ATOM   117 C  C   . GLU A 1 27 ? -9.894  0.353   1.123   1.00 23.81 ? 27  GLU A C   1 
ATOM   118 O  O   . GLU A 1 27 ? -9.863  -0.097  -0.024  1.00 21.46 ? 27  GLU A O   1 
ATOM   119 C  CB  . GLU A 1 27 ? -12.032 0.263   2.360   1.00 30.16 ? 27  GLU A CB  1 
ATOM   120 C  CG  . GLU A 1 27 ? -12.919 -0.269  3.478   1.00 38.91 ? 27  GLU A CG  1 
ATOM   121 C  CD  . GLU A 1 27 ? -13.488 -1.646  3.198   1.00 42.80 ? 27  GLU A CD  1 
ATOM   122 O  OE1 . GLU A 1 27 ? -14.353 -2.101  3.979   1.00 46.42 ? 27  GLU A OE1 1 
ATOM   123 O  OE2 . GLU A 1 27 ? -13.073 -2.276  2.203   1.00 46.86 ? 27  GLU A OE2 1 
ATOM   124 N  N   . GLU A 1 28 ? -9.318  1.500   1.464   1.00 22.64 ? 28  GLU A N   1 
ATOM   125 C  CA  . GLU A 1 28 ? -8.576  2.298   0.498   1.00 23.65 ? 28  GLU A CA  1 
ATOM   126 C  C   . GLU A 1 28 ? -7.338  1.543   0.033   1.00 22.02 ? 28  GLU A C   1 
ATOM   127 O  O   . GLU A 1 28 ? -6.992  1.563   -1.148  1.00 22.65 ? 28  GLU A O   1 
ATOM   128 C  CB  . GLU A 1 28 ? -8.205  3.655   1.112   1.00 24.73 ? 28  GLU A CB  1 
ATOM   129 C  CG  . GLU A 1 28 ? -9.403  4.602   1.195   1.00 28.79 ? 28  GLU A CG  1 
ATOM   130 C  CD  . GLU A 1 28 ? -9.227  5.763   2.170   1.00 29.01 ? 28  GLU A CD  1 
ATOM   131 O  OE1 . GLU A 1 28 ? -10.079 6.673   2.140   1.00 32.16 ? 28  GLU A OE1 1 
ATOM   132 O  OE2 . GLU A 1 28 ? -8.263  5.776   2.966   1.00 28.67 ? 28  GLU A OE2 1 
ATOM   133 N  N   . LEU A 1 29 ? -6.684  0.856   0.960   1.00 19.85 ? 29  LEU A N   1 
ATOM   134 C  CA  . LEU A 1 29 ? -5.504  0.078   0.608   1.00 17.50 ? 29  LEU A CA  1 
ATOM   135 C  C   . LEU A 1 29 ? -5.925  -1.110  -0.255  1.00 18.13 ? 29  LEU A C   1 
ATOM   136 O  O   . LEU A 1 29 ? -5.201  -1.530  -1.167  1.00 17.36 ? 29  LEU A O   1 
ATOM   137 C  CB  . LEU A 1 29 ? -4.807  -0.426  1.871   1.00 17.43 ? 29  LEU A CB  1 
ATOM   138 C  CG  . LEU A 1 29 ? -4.112  0.622   2.739   1.00 18.57 ? 29  LEU A CG  1 
ATOM   139 C  CD1 . LEU A 1 29 ? -3.684  0.013   4.054   1.00 18.66 ? 29  LEU A CD1 1 
ATOM   140 C  CD2 . LEU A 1 29 ? -2.891  1.161   1.984   1.00 17.04 ? 29  LEU A CD2 1 
HETATM 141 N  N   . MSE A 1 30 ? -7.101  -1.655  0.036   1.00 19.40 ? 30  MSE A N   1 
HETATM 142 C  CA  . MSE A 1 30 ? -7.598  -2.796  -0.717  1.00 20.31 ? 30  MSE A CA  1 
HETATM 143 C  C   . MSE A 1 30 ? -7.986  -2.438  -2.155  1.00 20.90 ? 30  MSE A C   1 
HETATM 144 O  O   . MSE A 1 30 ? -8.294  -3.318  -2.960  1.00 22.30 ? 30  MSE A O   1 
HETATM 145 C  CB  . MSE A 1 30 ? -8.772  -3.436  0.033   1.00 20.74 ? 30  MSE A CB  1 
HETATM 146 C  CG  . MSE A 1 30 ? -8.321  -4.165  1.294   1.00 23.61 ? 30  MSE A CG  1 
HETATM 147 SE SE  . MSE A 1 30 ? -9.756  -4.971  2.326   1.00 33.33 ? 30  MSE A SE  1 
HETATM 148 C  CE  . MSE A 1 30 ? -10.258 -6.377  1.095   1.00 31.01 ? 30  MSE A CE  1 
ATOM   149 N  N   . ALA A 1 31 ? -7.964  -1.150  -2.484  1.00 21.95 ? 31  ALA A N   1 
ATOM   150 C  CA  . ALA A 1 31 ? -8.291  -0.719  -3.844  1.00 22.33 ? 31  ALA A CA  1 
ATOM   151 C  C   . ALA A 1 31 ? -7.034  -0.793  -4.718  1.00 22.37 ? 31  ALA A C   1 
ATOM   152 O  O   . ALA A 1 31 ? -7.118  -0.716  -5.942  1.00 23.47 ? 31  ALA A O   1 
ATOM   153 C  CB  . ALA A 1 31 ? -8.844  0.710   -3.837  1.00 22.48 ? 31  ALA A CB  1 
ATOM   154 N  N   . LEU A 1 32 ? -5.876  -0.951  -4.079  1.00 22.31 ? 32  LEU A N   1 
ATOM   155 C  CA  . LEU A 1 32 ? -4.603  -1.036  -4.790  1.00 21.87 ? 32  LEU A CA  1 
ATOM   156 C  C   . LEU A 1 32 ? -4.436  -2.383  -5.468  1.00 21.41 ? 32  LEU A C   1 
ATOM   157 O  O   . LEU A 1 32 ? -4.806  -3.422  -4.927  1.00 22.22 ? 32  LEU A O   1 
ATOM   158 C  CB  . LEU A 1 32 ? -3.429  -0.827  -3.833  1.00 21.27 ? 32  LEU A CB  1 
ATOM   159 C  CG  . LEU A 1 32 ? -3.330  0.541   -3.164  1.00 19.38 ? 32  LEU A CG  1 
ATOM   160 C  CD1 . LEU A 1 32 ? -2.396  0.457   -1.975  1.00 19.07 ? 32  LEU A CD1 1 
ATOM   161 C  CD2 . LEU A 1 32 ? -2.847  1.568   -4.170  1.00 21.10 ? 32  LEU A CD2 1 
ATOM   162 N  N   . PRO A 1 33 ? -3.850  -2.379  -6.667  1.00 22.12 ? 33  PRO A N   1 
ATOM   163 C  CA  . PRO A 1 33 ? -3.643  -3.625  -7.401  1.00 23.57 ? 33  PRO A CA  1 
ATOM   164 C  C   . PRO A 1 33 ? -2.793  -4.639  -6.640  1.00 23.09 ? 33  PRO A C   1 
ATOM   165 O  O   . PRO A 1 33 ? -1.670  -4.346  -6.232  1.00 25.23 ? 33  PRO A O   1 
ATOM   166 C  CB  . PRO A 1 33 ? -2.991  -3.152  -8.699  1.00 23.48 ? 33  PRO A CB  1 
ATOM   167 C  CG  . PRO A 1 33 ? -2.244  -1.925  -8.273  1.00 24.60 ? 33  PRO A CG  1 
ATOM   168 C  CD  . PRO A 1 33 ? -3.241  -1.240  -7.370  1.00 23.40 ? 33  PRO A CD  1 
ATOM   169 N  N   . GLY A 1 34 ? -3.342  -5.828  -6.437  1.00 23.07 ? 34  GLY A N   1 
ATOM   170 C  CA  . GLY A 1 34 ? -2.603  -6.868  -5.745  1.00 23.79 ? 34  GLY A CA  1 
ATOM   171 C  C   . GLY A 1 34 ? -2.683  -6.846  -4.231  1.00 22.47 ? 34  GLY A C   1 
ATOM   172 O  O   . GLY A 1 34 ? -2.071  -7.681  -3.570  1.00 24.96 ? 34  GLY A O   1 
ATOM   173 N  N   . ILE A 1 35 ? -3.440  -5.908  -3.674  1.00 21.76 ? 35  ILE A N   1 
ATOM   174 C  CA  . ILE A 1 35 ? -3.568  -5.814  -2.221  1.00 20.00 ? 35  ILE A CA  1 
ATOM   175 C  C   . ILE A 1 35 ? -4.921  -6.306  -1.736  1.00 20.68 ? 35  ILE A C   1 
ATOM   176 O  O   . ILE A 1 35 ? -5.952  -5.699  -2.019  1.00 21.95 ? 35  ILE A O   1 
ATOM   177 C  CB  . ILE A 1 35 ? -3.373  -4.364  -1.737  1.00 19.11 ? 35  ILE A CB  1 
ATOM   178 C  CG1 . ILE A 1 35 ? -1.976  -3.877  -2.126  1.00 19.72 ? 35  ILE A CG1 1 
ATOM   179 C  CG2 . ILE A 1 35 ? -3.574  -4.285  -0.220  1.00 18.98 ? 35  ILE A CG2 1 
ATOM   180 C  CD1 . ILE A 1 35 ? -0.853  -4.798  -1.685  1.00 19.26 ? 35  ILE A CD1 1 
ATOM   181 N  N   . GLY A 1 36 ? -4.899  -7.413  -1.007  1.00 20.36 ? 36  GLY A N   1 
ATOM   182 C  CA  . GLY A 1 36 ? -6.118  -7.990  -0.477  1.00 21.97 ? 36  GLY A CA  1 
ATOM   183 C  C   . GLY A 1 36 ? -6.270  -7.638  0.991   1.00 22.80 ? 36  GLY A C   1 
ATOM   184 O  O   . GLY A 1 36 ? -5.503  -6.832  1.519   1.00 20.88 ? 36  GLY A O   1 
ATOM   185 N  N   . PRO A 1 37 ? -7.249  -8.229  1.681   1.00 23.79 ? 37  PRO A N   1 
ATOM   186 C  CA  . PRO A 1 37 ? -7.450  -7.932  3.101   1.00 23.69 ? 37  PRO A CA  1 
ATOM   187 C  C   . PRO A 1 37 ? -6.284  -8.300  4.015   1.00 22.83 ? 37  PRO A C   1 
ATOM   188 O  O   . PRO A 1 37 ? -6.039  -7.617  5.004   1.00 24.09 ? 37  PRO A O   1 
ATOM   189 C  CB  . PRO A 1 37 ? -8.729  -8.698  3.433   1.00 23.34 ? 37  PRO A CB  1 
ATOM   190 C  CG  . PRO A 1 37 ? -8.687  -9.853  2.484   1.00 25.51 ? 37  PRO A CG  1 
ATOM   191 C  CD  . PRO A 1 37 ? -8.245  -9.204  1.202   1.00 25.58 ? 37  PRO A CD  1 
ATOM   192 N  N   . VAL A 1 38 ? -5.569  -9.370  3.698   1.00 21.64 ? 38  VAL A N   1 
ATOM   193 C  CA  . VAL A 1 38 ? -4.448  -9.790  4.528   1.00 21.14 ? 38  VAL A CA  1 
ATOM   194 C  C   . VAL A 1 38 ? -3.269  -8.840  4.393   1.00 20.31 ? 38  VAL A C   1 
ATOM   195 O  O   . VAL A 1 38 ? -2.666  -8.441  5.391   1.00 17.48 ? 38  VAL A O   1 
ATOM   196 C  CB  . VAL A 1 38 ? -3.990  -11.209 4.170   1.00 22.77 ? 38  VAL A CB  1 
ATOM   197 C  CG1 . VAL A 1 38 ? -2.723  -11.561 4.936   1.00 23.81 ? 38  VAL A CG1 1 
ATOM   198 C  CG2 . VAL A 1 38 ? -5.098  -12.196 4.504   1.00 24.62 ? 38  VAL A CG2 1 
ATOM   199 N  N   . LEU A 1 39 ? -2.940  -8.480  3.161   1.00 17.88 ? 39  LEU A N   1 
ATOM   200 C  CA  . LEU A 1 39 ? -1.832  -7.560  2.937   1.00 17.83 ? 39  LEU A CA  1 
ATOM   201 C  C   . LEU A 1 39 ? -2.182  -6.159  3.441   1.00 16.74 ? 39  LEU A C   1 
ATOM   202 O  O   . LEU A 1 39 ? -1.332  -5.477  4.012   1.00 16.61 ? 39  LEU A O   1 
ATOM   203 C  CB  . LEU A 1 39 ? -1.468  -7.507  1.450   1.00 18.10 ? 39  LEU A CB  1 
ATOM   204 C  CG  . LEU A 1 39 ? -0.727  -8.736  0.921   1.00 18.96 ? 39  LEU A CG  1 
ATOM   205 C  CD1 . LEU A 1 39 ? -0.483  -8.577  -0.579  1.00 19.05 ? 39  LEU A CD1 1 
ATOM   206 C  CD2 . LEU A 1 39 ? 0.588   -8.907  1.668   1.00 21.00 ? 39  LEU A CD2 1 
ATOM   207 N  N   . ALA A 1 40 ? -3.430  -5.739  3.241   1.00 15.97 ? 40  ALA A N   1 
ATOM   208 C  CA  . ALA A 1 40 ? -3.861  -4.419  3.688   1.00 15.24 ? 40  ALA A CA  1 
ATOM   209 C  C   . ALA A 1 40 ? -3.691  -4.321  5.201   1.00 14.48 ? 40  ALA A C   1 
ATOM   210 O  O   . ALA A 1 40 ? -3.228  -3.300  5.717   1.00 16.37 ? 40  ALA A O   1 
ATOM   211 C  CB  . ALA A 1 40 ? -5.322  -4.171  3.299   1.00 16.95 ? 40  ALA A CB  1 
ATOM   212 N  N   . ARG A 1 41 ? -4.055  -5.387  5.901   1.00 15.61 ? 41  ARG A N   1 
ATOM   213 C  CA  . ARG A 1 41 ? -3.933  -5.431  7.360   1.00 17.20 ? 41  ARG A CA  1 
ATOM   214 C  C   . ARG A 1 41 ? -2.472  -5.323  7.796   1.00 16.15 ? 41  ARG A C   1 
ATOM   215 O  O   . ARG A 1 41 ? -2.142  -4.576  8.720   1.00 14.67 ? 41  ARG A O   1 
ATOM   216 C  CB  . ARG A 1 41 ? -4.510  -6.737  7.900   1.00 21.00 ? 41  ARG A CB  1 
ATOM   217 C  CG  . ARG A 1 41 ? -4.728  -6.734  9.402   1.00 26.86 ? 41  ARG A CG  1 
ATOM   218 C  CD  . ARG A 1 41 ? -4.821  -8.149  9.977   1.00 31.60 ? 41  ARG A CD  1 
ATOM   219 N  NE  . ARG A 1 41 ? -3.526  -8.621  10.472  1.00 37.80 ? 41  ARG A NE  1 
ATOM   220 C  CZ  . ARG A 1 41 ? -2.586  -9.199  9.730   1.00 38.06 ? 41  ARG A CZ  1 
ATOM   221 N  NH1 . ARG A 1 41 ? -2.778  -9.401  8.430   1.00 40.20 ? 41  ARG A NH1 1 
ATOM   222 N  NH2 . ARG A 1 41 ? -1.439  -9.564  10.291  1.00 37.65 ? 41  ARG A NH2 1 
ATOM   223 N  N   . ARG A 1 42 ? -1.595  -6.079  7.142   1.00 15.42 ? 42  ARG A N   1 
ATOM   224 C  CA  . ARG A 1 42 ? -0.172  -6.040  7.486   1.00 14.62 ? 42  ARG A CA  1 
ATOM   225 C  C   . ARG A 1 42 ? 0.430   -4.666  7.204   1.00 14.59 ? 42  ARG A C   1 
ATOM   226 O  O   . ARG A 1 42 ? 1.326   -4.217  7.913   1.00 14.74 ? 42  ARG A O   1 
ATOM   227 C  CB  . ARG A 1 42 ? 0.601   -7.098  6.697   1.00 16.56 ? 42  ARG A CB  1 
ATOM   228 C  CG  . ARG A 1 42 ? 0.234   -8.524  7.070   1.00 19.30 ? 42  ARG A CG  1 
ATOM   229 C  CD  . ARG A 1 42 ? 0.873   -9.526  6.129   1.00 20.17 ? 42  ARG A CD  1 
ATOM   230 N  NE  . ARG A 1 42 ? 0.606   -10.899 6.546   1.00 22.06 ? 42  ARG A NE  1 
ATOM   231 C  CZ  . ARG A 1 42 ? 0.928   -11.974 5.832   1.00 26.26 ? 42  ARG A CZ  1 
ATOM   232 N  NH1 . ARG A 1 42 ? 1.530   -11.835 4.652   1.00 26.10 ? 42  ARG A NH1 1 
ATOM   233 N  NH2 . ARG A 1 42 ? 0.657   -13.188 6.301   1.00 25.32 ? 42  ARG A NH2 1 
ATOM   234 N  N   . ILE A 1 43 ? -0.044  -4.007  6.156   1.00 15.13 ? 43  ILE A N   1 
ATOM   235 C  CA  . ILE A 1 43 ? 0.472   -2.682  5.838   1.00 14.47 ? 43  ILE A CA  1 
ATOM   236 C  C   . ILE A 1 43 ? 0.123   -1.730  6.987   1.00 14.42 ? 43  ILE A C   1 
ATOM   237 O  O   . ILE A 1 43 ? 0.983   -0.997  7.454   1.00 15.33 ? 43  ILE A O   1 
ATOM   238 C  CB  . ILE A 1 43 ? -0.109  -2.157  4.503   1.00 13.35 ? 43  ILE A CB  1 
ATOM   239 C  CG1 . ILE A 1 43 ? 0.505   -2.950  3.344   1.00 14.88 ? 43  ILE A CG1 1 
ATOM   240 C  CG2 . ILE A 1 43 ? 0.184   -0.648  4.339   1.00 13.64 ? 43  ILE A CG2 1 
ATOM   241 C  CD1 . ILE A 1 43 ? -0.105  -2.645  1.985   1.00 13.72 ? 43  ILE A CD1 1 
ATOM   242 N  N   . VAL A 1 44 ? -1.124  -1.750  7.455   1.00 14.12 ? 44  VAL A N   1 
ATOM   243 C  CA  . VAL A 1 44 ? -1.513  -0.856  8.563   1.00 13.84 ? 44  VAL A CA  1 
ATOM   244 C  C   . VAL A 1 44 ? -0.691  -1.156  9.807   1.00 13.73 ? 44  VAL A C   1 
ATOM   245 O  O   . VAL A 1 44 ? -0.205  -0.243  10.490  1.00 13.38 ? 44  VAL A O   1 
ATOM   246 C  CB  . VAL A 1 44 ? -3.006  -0.999  8.955   1.00 13.98 ? 44  VAL A CB  1 
ATOM   247 C  CG1 . VAL A 1 44 ? -3.307  -0.105  10.170  1.00 14.05 ? 44  VAL A CG1 1 
ATOM   248 C  CG2 . VAL A 1 44 ? -3.894  -0.606  7.791   1.00 13.88 ? 44  VAL A CG2 1 
ATOM   249 N  N   . GLU A 1 45 ? -0.540  -2.441  10.102  1.00 15.43 ? 45  GLU A N   1 
ATOM   250 C  CA  . GLU A 1 45 ? 0.210   -2.869  11.277  1.00 15.53 ? 45  GLU A CA  1 
ATOM   251 C  C   . GLU A 1 45 ? 1.684   -2.489  11.221  1.00 17.05 ? 45  GLU A C   1 
ATOM   252 O  O   . GLU A 1 45 ? 2.330   -2.337  12.259  1.00 16.51 ? 45  GLU A O   1 
ATOM   253 C  CB  . GLU A 1 45 ? 0.063   -4.384  11.466  1.00 17.50 ? 45  GLU A CB  1 
ATOM   254 C  CG  . GLU A 1 45 ? -1.354  -4.799  11.862  1.00 20.05 ? 45  GLU A CG  1 
ATOM   255 C  CD  . GLU A 1 45 ? -1.480  -6.278  12.173  1.00 25.09 ? 45  GLU A CD  1 
ATOM   256 O  OE1 . GLU A 1 45 ? -2.494  -6.670  12.785  1.00 24.28 ? 45  GLU A OE1 1 
ATOM   257 O  OE2 . GLU A 1 45 ? -0.573  -7.049  11.806  1.00 25.73 ? 45  GLU A OE2 1 
ATOM   258 N  N   . GLY A 1 46 ? 2.212   -2.326  10.010  1.00 14.75 ? 46  GLY A N   1 
ATOM   259 C  CA  . GLY A 1 46 ? 3.609   -1.964  9.868   1.00 15.79 ? 46  GLY A CA  1 
ATOM   260 C  C   . GLY A 1 46 ? 3.915   -0.472  9.923   1.00 14.58 ? 46  GLY A C   1 
ATOM   261 O  O   . GLY A 1 46 ? 5.078   -0.081  9.828   1.00 16.67 ? 46  GLY A O   1 
ATOM   262 N  N   . ARG A 1 47 ? 2.890   0.359   10.087  1.00 12.78 ? 47  ARG A N   1 
ATOM   263 C  CA  . ARG A 1 47 ? 3.072   1.812   10.143  1.00 11.73 ? 47  ARG A CA  1 
ATOM   264 C  C   . ARG A 1 47 ? 3.922   2.232   11.335  1.00 11.79 ? 47  ARG A C   1 
ATOM   265 O  O   . ARG A 1 47 ? 3.905   1.567   12.368  1.00 14.53 ? 47  ARG A O   1 
ATOM   266 C  CB  . ARG A 1 47 ? 1.711   2.506   10.223  1.00 11.35 ? 47  ARG A CB  1 
ATOM   267 C  CG  . ARG A 1 47 ? 0.943   2.428   8.914   1.00 9.19  ? 47  ARG A CG  1 
ATOM   268 C  CD  . ARG A 1 47 ? -0.504  2.881   9.023   1.00 12.73 ? 47  ARG A CD  1 
ATOM   269 N  NE  . ARG A 1 47 ? -1.091  2.854   7.684   1.00 13.33 ? 47  ARG A NE  1 
ATOM   270 C  CZ  . ARG A 1 47 ? -2.379  3.022   7.401   1.00 13.62 ? 47  ARG A CZ  1 
ATOM   271 N  NH1 . ARG A 1 47 ? -3.267  3.226   8.372   1.00 13.54 ? 47  ARG A NH1 1 
ATOM   272 N  NH2 . ARG A 1 47 ? -2.773  2.995   6.130   1.00 15.34 ? 47  ARG A NH2 1 
ATOM   273 N  N   . PRO A 1 48 ? 4.643   3.356   11.225  1.00 12.47 ? 48  PRO A N   1 
ATOM   274 C  CA  . PRO A 1 48 ? 4.723   4.261   10.079  1.00 11.84 ? 48  PRO A CA  1 
ATOM   275 C  C   . PRO A 1 48 ? 5.780   3.885   9.047   1.00 13.36 ? 48  PRO A C   1 
ATOM   276 O  O   . PRO A 1 48 ? 6.711   3.135   9.342   1.00 13.69 ? 48  PRO A O   1 
ATOM   277 C  CB  . PRO A 1 48 ? 5.051   5.601   10.730  1.00 13.22 ? 48  PRO A CB  1 
ATOM   278 C  CG  . PRO A 1 48 ? 6.004   5.192   11.801  1.00 14.99 ? 48  PRO A CG  1 
ATOM   279 C  CD  . PRO A 1 48 ? 5.354   3.933   12.388  1.00 13.62 ? 48  PRO A CD  1 
ATOM   280 N  N   . TYR A 1 49 ? 5.612   4.427   7.846   1.00 11.65 ? 49  TYR A N   1 
ATOM   281 C  CA  . TYR A 1 49 ? 6.547   4.241   6.738   1.00 13.05 ? 49  TYR A CA  1 
ATOM   282 C  C   . TYR A 1 49 ? 7.204   5.599   6.491   1.00 14.72 ? 49  TYR A C   1 
ATOM   283 O  O   . TYR A 1 49 ? 6.506   6.613   6.409   1.00 17.60 ? 49  TYR A O   1 
ATOM   284 C  CB  . TYR A 1 49 ? 5.802   3.799   5.469   1.00 12.01 ? 49  TYR A CB  1 
ATOM   285 C  CG  . TYR A 1 49 ? 5.103   2.472   5.642   1.00 12.05 ? 49  TYR A CG  1 
ATOM   286 C  CD1 . TYR A 1 49 ? 3.762   2.405   6.021   1.00 14.84 ? 49  TYR A CD1 1 
ATOM   287 C  CD2 . TYR A 1 49 ? 5.813   1.281   5.528   1.00 13.39 ? 49  TYR A CD2 1 
ATOM   288 C  CE1 . TYR A 1 49 ? 3.159   1.181   6.285   1.00 11.32 ? 49  TYR A CE1 1 
ATOM   289 C  CE2 . TYR A 1 49 ? 5.224   0.061   5.792   1.00 12.21 ? 49  TYR A CE2 1 
ATOM   290 C  CZ  . TYR A 1 49 ? 3.897   0.016   6.173   1.00 12.86 ? 49  TYR A CZ  1 
ATOM   291 O  OH  . TYR A 1 49 ? 3.326   -1.196  6.454   1.00 13.27 ? 49  TYR A OH  1 
ATOM   292 N  N   . ALA A 1 50 ? 8.533   5.634   6.394   1.00 14.65 ? 50  ALA A N   1 
ATOM   293 C  CA  . ALA A 1 50 ? 9.231   6.898   6.134   1.00 16.46 ? 50  ALA A CA  1 
ATOM   294 C  C   . ALA A 1 50 ? 9.297   7.123   4.626   1.00 15.50 ? 50  ALA A C   1 
ATOM   295 O  O   . ALA A 1 50 ? 9.360   8.260   4.157   1.00 15.80 ? 50  ALA A O   1 
ATOM   296 C  CB  . ALA A 1 50 ? 10.643  6.867   6.730   1.00 17.50 ? 50  ALA A CB  1 
ATOM   297 N  N   . ARG A 1 51 ? 9.300   6.028   3.871   1.00 14.25 ? 51  ARG A N   1 
ATOM   298 C  CA  . ARG A 1 51 ? 9.313   6.088   2.417   1.00 12.91 ? 51  ARG A CA  1 
ATOM   299 C  C   . ARG A 1 51 ? 8.572   4.863   1.894   1.00 12.70 ? 51  ARG A C   1 
ATOM   300 O  O   . ARG A 1 51 ? 8.390   3.881   2.617   1.00 10.33 ? 51  ARG A O   1 
ATOM   301 C  CB  . ARG A 1 51 ? 10.751  6.145   1.860   1.00 12.84 ? 51  ARG A CB  1 
ATOM   302 C  CG  . ARG A 1 51 ? 11.627  4.889   2.103   1.00 15.00 ? 51  ARG A CG  1 
ATOM   303 C  CD  . ARG A 1 51 ? 12.680  5.118   3.186   1.00 14.78 ? 51  ARG A CD  1 
ATOM   304 N  NE  . ARG A 1 51 ? 13.513  3.925   3.420   1.00 13.59 ? 51  ARG A NE  1 
ATOM   305 C  CZ  . ARG A 1 51 ? 14.705  3.707   2.872   1.00 15.60 ? 51  ARG A CZ  1 
ATOM   306 N  NH1 . ARG A 1 51 ? 15.238  4.595   2.043   1.00 15.76 ? 51  ARG A NH1 1 
ATOM   307 N  NH2 . ARG A 1 51 ? 15.380  2.590   3.159   1.00 14.31 ? 51  ARG A NH2 1 
ATOM   308 N  N   . VAL A 1 52 ? 8.133   4.921   0.642   1.00 10.37 ? 52  VAL A N   1 
ATOM   309 C  CA  . VAL A 1 52 ? 7.391   3.813   0.064   1.00 11.57 ? 52  VAL A CA  1 
ATOM   310 C  C   . VAL A 1 52 ? 8.206   2.531   0.051   1.00 13.46 ? 52  VAL A C   1 
ATOM   311 O  O   . VAL A 1 52 ? 7.662   1.437   0.174   1.00 14.18 ? 52  VAL A O   1 
ATOM   312 C  CB  . VAL A 1 52 ? 6.913   4.164   -1.362  1.00 12.09 ? 52  VAL A CB  1 
ATOM   313 C  CG1 . VAL A 1 52 ? 6.325   2.950   -2.047  1.00 11.84 ? 52  VAL A CG1 1 
ATOM   314 C  CG2 . VAL A 1 52 ? 5.856   5.275   -1.279  1.00 11.88 ? 52  VAL A CG2 1 
ATOM   315 N  N   . GLU A 1 53 ? 9.523   2.662   -0.064  1.00 13.39 ? 53  GLU A N   1 
ATOM   316 C  CA  . GLU A 1 53 ? 10.357  1.474   -0.095  1.00 15.31 ? 53  GLU A CA  1 
ATOM   317 C  C   . GLU A 1 53 ? 10.329  0.708   1.222   1.00 14.25 ? 53  GLU A C   1 
ATOM   318 O  O   . GLU A 1 53 ? 10.743  -0.453  1.271   1.00 14.44 ? 53  GLU A O   1 
ATOM   319 C  CB  . GLU A 1 53 ? 11.790  1.857   -0.456  1.00 18.12 ? 53  GLU A CB  1 
ATOM   320 C  CG  . GLU A 1 53 ? 12.470  0.900   -1.417  1.00 25.66 ? 53  GLU A CG  1 
ATOM   321 C  CD  . GLU A 1 53 ? 11.664  0.636   -2.683  1.00 26.52 ? 53  GLU A CD  1 
ATOM   322 O  OE1 . GLU A 1 53 ? 10.732  1.414   -3.011  1.00 29.07 ? 53  GLU A OE1 1 
ATOM   323 O  OE2 . GLU A 1 53 ? 11.980  -0.356  -3.363  1.00 29.24 ? 53  GLU A OE2 1 
ATOM   324 N  N   . ASP A 1 54 ? 9.843   1.339   2.287   1.00 12.19 ? 54  ASP A N   1 
ATOM   325 C  CA  . ASP A 1 54 ? 9.769   0.651   3.572   1.00 13.64 ? 54  ASP A CA  1 
ATOM   326 C  C   . ASP A 1 54 ? 8.687   -0.424  3.526   1.00 13.57 ? 54  ASP A C   1 
ATOM   327 O  O   . ASP A 1 54 ? 8.583   -1.248  4.428   1.00 13.35 ? 54  ASP A O   1 
ATOM   328 C  CB  . ASP A 1 54 ? 9.496   1.629   4.725   1.00 12.58 ? 54  ASP A CB  1 
ATOM   329 C  CG  . ASP A 1 54 ? 10.682  2.545   5.014   1.00 16.12 ? 54  ASP A CG  1 
ATOM   330 O  OD1 . ASP A 1 54 ? 11.838  2.139   4.782   1.00 15.61 ? 54  ASP A OD1 1 
ATOM   331 O  OD2 . ASP A 1 54 ? 10.464  3.670   5.505   1.00 15.21 ? 54  ASP A OD2 1 
ATOM   332 N  N   . LEU A 1 55 ? 7.887   -0.426  2.466   1.00 13.41 ? 55  LEU A N   1 
ATOM   333 C  CA  . LEU A 1 55 ? 6.836   -1.430  2.324   1.00 14.37 ? 55  LEU A CA  1 
ATOM   334 C  C   . LEU A 1 55 ? 7.454   -2.822  2.228   1.00 15.15 ? 55  LEU A C   1 
ATOM   335 O  O   . LEU A 1 55 ? 6.771   -3.835  2.435   1.00 17.27 ? 55  LEU A O   1 
ATOM   336 C  CB  . LEU A 1 55 ? 6.005   -1.135  1.080   1.00 15.75 ? 55  LEU A CB  1 
ATOM   337 C  CG  . LEU A 1 55 ? 4.632   -1.781  0.967   1.00 19.17 ? 55  LEU A CG  1 
ATOM   338 C  CD1 . LEU A 1 55 ? 3.755   -1.391  2.183   1.00 18.26 ? 55  LEU A CD1 1 
ATOM   339 C  CD2 . LEU A 1 55 ? 3.992   -1.302  -0.335  1.00 18.69 ? 55  LEU A CD2 1 
ATOM   340 N  N   . LEU A 1 56 ? 8.747   -2.882  1.923   1.00 14.13 ? 56  LEU A N   1 
ATOM   341 C  CA  . LEU A 1 56 ? 9.425   -4.170  1.829   1.00 16.05 ? 56  LEU A CA  1 
ATOM   342 C  C   . LEU A 1 56 ? 9.512   -4.858  3.192   1.00 16.79 ? 56  LEU A C   1 
ATOM   343 O  O   . LEU A 1 56 ? 9.938   -6.013  3.275   1.00 17.74 ? 56  LEU A O   1 
ATOM   344 C  CB  . LEU A 1 56 ? 10.828  -4.015  1.225   1.00 15.47 ? 56  LEU A CB  1 
ATOM   345 C  CG  . LEU A 1 56 ? 10.830  -3.700  -0.276  1.00 16.11 ? 56  LEU A CG  1 
ATOM   346 C  CD1 . LEU A 1 56 ? 12.253  -3.523  -0.780  1.00 14.26 ? 56  LEU A CD1 1 
ATOM   347 C  CD2 . LEU A 1 56 ? 10.140  -4.851  -1.026  1.00 15.87 ? 56  LEU A CD2 1 
ATOM   348 N  N   . LYS A 1 57 ? 9.116   -4.165  4.259   1.00 15.15 ? 57  LYS A N   1 
ATOM   349 C  CA  . LYS A 1 57 ? 9.136   -4.800  5.578   1.00 15.34 ? 57  LYS A CA  1 
ATOM   350 C  C   . LYS A 1 57 ? 7.864   -5.616  5.797   1.00 14.43 ? 57  LYS A C   1 
ATOM   351 O  O   . LYS A 1 57 ? 7.772   -6.382  6.753   1.00 15.56 ? 57  LYS A O   1 
ATOM   352 C  CB  . LYS A 1 57 ? 9.246   -3.767  6.702   1.00 17.60 ? 57  LYS A CB  1 
ATOM   353 C  CG  . LYS A 1 57 ? 7.979   -2.978  6.969   1.00 19.67 ? 57  LYS A CG  1 
ATOM   354 C  CD  . LYS A 1 57 ? 8.106   -2.193  8.269   1.00 23.51 ? 57  LYS A CD  1 
ATOM   355 C  CE  . LYS A 1 57 ? 7.643   -0.762  8.107   1.00 24.55 ? 57  LYS A CE  1 
ATOM   356 N  NZ  . LYS A 1 57 ? 7.795   0.004   9.383   1.00 23.82 ? 57  LYS A NZ  1 
ATOM   357 N  N   . VAL A 1 58 ? 6.890   -5.462  4.902   1.00 14.08 ? 58  VAL A N   1 
ATOM   358 C  CA  . VAL A 1 58 ? 5.620   -6.174  5.033   1.00 14.67 ? 58  VAL A CA  1 
ATOM   359 C  C   . VAL A 1 58 ? 5.692   -7.560  4.415   1.00 16.72 ? 58  VAL A C   1 
ATOM   360 O  O   . VAL A 1 58 ? 6.080   -7.706  3.258   1.00 15.24 ? 58  VAL A O   1 
ATOM   361 C  CB  . VAL A 1 58 ? 4.478   -5.401  4.357   1.00 15.52 ? 58  VAL A CB  1 
ATOM   362 C  CG1 . VAL A 1 58 ? 3.168   -6.154  4.535   1.00 14.72 ? 58  VAL A CG1 1 
ATOM   363 C  CG2 . VAL A 1 58 ? 4.379   -4.010  4.952   1.00 13.75 ? 58  VAL A CG2 1 
ATOM   364 N  N   . LYS A 1 59 ? 5.322   -8.577  5.188   1.00 17.98 ? 59  LYS A N   1 
ATOM   365 C  CA  . LYS A 1 59 ? 5.376   -9.941  4.676   1.00 19.56 ? 59  LYS A CA  1 
ATOM   366 C  C   . LYS A 1 59 ? 4.400   -10.072 3.519   1.00 21.07 ? 59  LYS A C   1 
ATOM   367 O  O   . LYS A 1 59 ? 3.242   -9.677  3.629   1.00 20.92 ? 59  LYS A O   1 
ATOM   368 C  CB  . LYS A 1 59 ? 5.020   -10.945 5.781   1.00 19.72 ? 59  LYS A CB  1 
ATOM   369 C  CG  . LYS A 1 59 ? 5.255   -12.409 5.405   1.00 23.38 ? 59  LYS A CG  1 
ATOM   370 C  CD  . LYS A 1 59 ? 5.039   -13.328 6.617   1.00 25.85 ? 59  LYS A CD  1 
ATOM   371 C  CE  . LYS A 1 59 ? 5.589   -14.736 6.387   1.00 28.65 ? 59  LYS A CE  1 
ATOM   372 N  NZ  . LYS A 1 59 ? 4.918   -15.446 5.264   1.00 30.46 ? 59  LYS A NZ  1 
ATOM   373 N  N   . GLY A 1 60 ? 4.879   -10.606 2.400   1.00 22.61 ? 60  GLY A N   1 
ATOM   374 C  CA  . GLY A 1 60 ? 4.011   -10.787 1.252   1.00 23.53 ? 60  GLY A CA  1 
ATOM   375 C  C   . GLY A 1 60 ? 4.109   -9.758  0.145   1.00 23.47 ? 60  GLY A C   1 
ATOM   376 O  O   . GLY A 1 60 ? 3.512   -9.939  -0.914  1.00 24.29 ? 60  GLY A O   1 
ATOM   377 N  N   . ILE A 1 61 ? 4.840   -8.673  0.378   1.00 24.10 ? 61  ILE A N   1 
ATOM   378 C  CA  . ILE A 1 61 ? 4.990   -7.644  -0.640  1.00 24.23 ? 61  ILE A CA  1 
ATOM   379 C  C   . ILE A 1 61 ? 6.380   -7.725  -1.267  1.00 26.66 ? 61  ILE A C   1 
ATOM   380 O  O   . ILE A 1 61 ? 7.321   -7.073  -0.820  1.00 27.27 ? 61  ILE A O   1 
ATOM   381 C  CB  . ILE A 1 61 ? 4.760   -6.234  -0.055  1.00 23.78 ? 61  ILE A CB  1 
ATOM   382 C  CG1 . ILE A 1 61 ? 3.306   -6.110  0.417   1.00 22.87 ? 61  ILE A CG1 1 
ATOM   383 C  CG2 . ILE A 1 61 ? 5.044   -5.178  -1.106  1.00 22.81 ? 61  ILE A CG2 1 
ATOM   384 C  CD1 . ILE A 1 61 ? 2.951   -4.753  1.009   1.00 26.85 ? 61  ILE A CD1 1 
ATOM   385 N  N   . GLY A 1 62 ? 6.493   -8.549  -2.300  1.00 28.19 ? 62  GLY A N   1 
ATOM   386 C  CA  . GLY A 1 62 ? 7.762   -8.712  -2.980  1.00 29.77 ? 62  GLY A CA  1 
ATOM   387 C  C   . GLY A 1 62 ? 8.059   -7.523  -3.868  1.00 29.00 ? 62  GLY A C   1 
ATOM   388 O  O   . GLY A 1 62 ? 7.196   -6.674  -4.081  1.00 29.46 ? 62  GLY A O   1 
ATOM   389 N  N   . PRO A 1 63 ? 9.279   -7.431  -4.407  1.00 29.74 ? 63  PRO A N   1 
ATOM   390 C  CA  . PRO A 1 63 ? 9.663   -6.320  -5.279  1.00 27.58 ? 63  PRO A CA  1 
ATOM   391 C  C   . PRO A 1 63 ? 8.779   -6.181  -6.514  1.00 25.59 ? 63  PRO A C   1 
ATOM   392 O  O   . PRO A 1 63 ? 8.549   -5.079  -6.987  1.00 24.20 ? 63  PRO A O   1 
ATOM   393 C  CB  . PRO A 1 63 ? 11.109  -6.652  -5.633  1.00 29.38 ? 63  PRO A CB  1 
ATOM   394 C  CG  . PRO A 1 63 ? 11.594  -7.324  -4.391  1.00 31.08 ? 63  PRO A CG  1 
ATOM   395 C  CD  . PRO A 1 63 ? 10.452  -8.264  -4.081  1.00 30.29 ? 63  PRO A CD  1 
ATOM   396 N  N   . ALA A 1 64 ? 8.293   -7.301  -7.038  1.00 24.92 ? 64  ALA A N   1 
ATOM   397 C  CA  . ALA A 1 64 ? 7.438   -7.257  -8.223  1.00 24.77 ? 64  ALA A CA  1 
ATOM   398 C  C   . ALA A 1 64 ? 6.108   -6.629  -7.845  1.00 24.28 ? 64  ALA A C   1 
ATOM   399 O  O   . ALA A 1 64 ? 5.489   -5.924  -8.643  1.00 24.83 ? 64  ALA A O   1 
ATOM   400 C  CB  . ALA A 1 64 ? 7.219   -8.671  -8.778  1.00 23.59 ? 64  ALA A CB  1 
ATOM   401 N  N   . THR A 1 65 ? 5.672   -6.904  -6.621  1.00 24.91 ? 65  THR A N   1 
ATOM   402 C  CA  . THR A 1 65 ? 4.416   -6.367  -6.119  1.00 25.18 ? 65  THR A CA  1 
ATOM   403 C  C   . THR A 1 65 ? 4.587   -4.877  -5.953  1.00 25.12 ? 65  THR A C   1 
ATOM   404 O  O   . THR A 1 65 ? 3.767   -4.084  -6.402  1.00 23.03 ? 65  THR A O   1 
ATOM   405 C  CB  . THR A 1 65 ? 4.064   -6.924  -4.737  1.00 27.46 ? 65  THR A CB  1 
ATOM   406 O  OG1 . THR A 1 65 ? 4.023   -8.353  -4.781  1.00 32.95 ? 65  THR A OG1 1 
ATOM   407 C  CG2 . THR A 1 65 ? 2.708   -6.396  -4.292  1.00 28.10 ? 65  THR A CG2 1 
ATOM   408 N  N   . LEU A 1 66 ? 5.675   -4.510  -5.293  1.00 24.58 ? 66  LEU A N   1 
ATOM   409 C  CA  . LEU A 1 66 ? 5.978   -3.112  -5.035  1.00 24.38 ? 66  LEU A CA  1 
ATOM   410 C  C   . LEU A 1 66 ? 6.182   -2.334  -6.329  1.00 25.11 ? 66  LEU A C   1 
ATOM   411 O  O   . LEU A 1 66 ? 5.725   -1.204  -6.454  1.00 25.85 ? 66  LEU A O   1 
ATOM   412 C  CB  . LEU A 1 66 ? 7.225   -3.022  -4.157  1.00 23.00 ? 66  LEU A CB  1 
ATOM   413 C  CG  . LEU A 1 66 ? 7.616   -1.652  -3.617  1.00 21.30 ? 66  LEU A CG  1 
ATOM   414 C  CD1 . LEU A 1 66 ? 6.409   -0.963  -3.002  1.00 22.19 ? 66  LEU A CD1 1 
ATOM   415 C  CD2 . LEU A 1 66 ? 8.705   -1.833  -2.580  1.00 21.76 ? 66  LEU A CD2 1 
ATOM   416 N  N   . GLU A 1 67 ? 6.857   -2.951  -7.294  1.00 27.25 ? 67  GLU A N   1 
ATOM   417 C  CA  . GLU A 1 67 ? 7.124   -2.309  -8.575  1.00 30.06 ? 67  GLU A CA  1 
ATOM   418 C  C   . GLU A 1 67 ? 5.840   -1.807  -9.224  1.00 30.04 ? 67  GLU A C   1 
ATOM   419 O  O   . GLU A 1 67 ? 5.788   -0.704  -9.773  1.00 29.87 ? 67  GLU A O   1 
ATOM   420 C  CB  . GLU A 1 67 ? 7.827   -3.293  -9.514  1.00 33.27 ? 67  GLU A CB  1 
ATOM   421 C  CG  . GLU A 1 67 ? 8.334   -2.674  -10.809 1.00 39.31 ? 67  GLU A CG  1 
ATOM   422 C  CD  . GLU A 1 67 ? 9.081   -3.673  -11.687 1.00 42.66 ? 67  GLU A CD  1 
ATOM   423 O  OE1 . GLU A 1 67 ? 9.667   -3.251  -12.708 1.00 44.80 ? 67  GLU A OE1 1 
ATOM   424 O  OE2 . GLU A 1 67 ? 9.081   -4.880  -11.359 1.00 44.79 ? 67  GLU A OE2 1 
ATOM   425 N  N   . ARG A 1 68 ? 4.797   -2.618  -9.146  1.00 29.54 ? 68  ARG A N   1 
ATOM   426 C  CA  . ARG A 1 68 ? 3.517   -2.259  -9.741  1.00 30.19 ? 68  ARG A CA  1 
ATOM   427 C  C   . ARG A 1 68 ? 2.805   -1.154  -8.973  1.00 27.48 ? 68  ARG A C   1 
ATOM   428 O  O   . ARG A 1 68 ? 2.089   -0.346  -9.565  1.00 26.54 ? 68  ARG A O   1 
ATOM   429 C  CB  . ARG A 1 68 ? 2.607   -3.486  -9.803  1.00 33.70 ? 68  ARG A CB  1 
ATOM   430 C  CG  . ARG A 1 68 ? 3.187   -4.670  -10.555 1.00 38.65 ? 68  ARG A CG  1 
ATOM   431 C  CD  . ARG A 1 68 ? 3.425   -4.359  -12.032 1.00 42.94 ? 68  ARG A CD  1 
ATOM   432 N  NE  . ARG A 1 68 ? 4.583   -3.493  -12.250 1.00 46.39 ? 68  ARG A NE  1 
ATOM   433 C  CZ  . ARG A 1 68 ? 5.156   -3.301  -13.435 1.00 48.52 ? 68  ARG A CZ  1 
ATOM   434 N  NH1 . ARG A 1 68 ? 4.676   -3.913  -14.511 1.00 49.78 ? 68  ARG A NH1 1 
ATOM   435 N  NH2 . ARG A 1 68 ? 6.213   -2.507  -13.547 1.00 49.47 ? 68  ARG A NH2 1 
ATOM   436 N  N   . LEU A 1 69 ? 3.001   -1.128  -7.657  1.00 25.29 ? 69  LEU A N   1 
ATOM   437 C  CA  . LEU A 1 69 ? 2.349   -0.148  -6.794  1.00 24.29 ? 69  LEU A CA  1 
ATOM   438 C  C   . LEU A 1 69 ? 2.991   1.224   -6.682  1.00 22.56 ? 69  LEU A C   1 
ATOM   439 O  O   . LEU A 1 69 ? 2.319   2.182   -6.312  1.00 21.86 ? 69  LEU A O   1 
ATOM   440 C  CB  . LEU A 1 69 ? 2.213   -0.703  -5.377  1.00 25.11 ? 69  LEU A CB  1 
ATOM   441 C  CG  . LEU A 1 69 ? 1.299   -1.896  -5.127  1.00 26.14 ? 69  LEU A CG  1 
ATOM   442 C  CD1 . LEU A 1 69 ? 1.491   -2.371  -3.699  1.00 26.23 ? 69  LEU A CD1 1 
ATOM   443 C  CD2 . LEU A 1 69 ? -0.148  -1.514  -5.380  1.00 26.77 ? 69  LEU A CD2 1 
ATOM   444 N  N   . ARG A 1 70 ? 4.279   1.329   -6.985  1.00 21.27 ? 70  ARG A N   1 
ATOM   445 C  CA  . ARG A 1 70 ? 4.973   2.607   -6.844  1.00 19.53 ? 70  ARG A CA  1 
ATOM   446 C  C   . ARG A 1 70 ? 4.289   3.822   -7.460  1.00 19.65 ? 70  ARG A C   1 
ATOM   447 O  O   . ARG A 1 70 ? 4.304   4.905   -6.879  1.00 17.53 ? 70  ARG A O   1 
ATOM   448 C  CB  . ARG A 1 70 ? 6.405   2.505   -7.379  1.00 22.15 ? 70  ARG A CB  1 
ATOM   449 C  CG  . ARG A 1 70 ? 7.287   1.575   -6.562  1.00 26.08 ? 70  ARG A CG  1 
ATOM   450 C  CD  . ARG A 1 70 ? 8.705   2.104   -6.462  1.00 27.59 ? 70  ARG A CD  1 
ATOM   451 N  NE  . ARG A 1 70 ? 9.562   1.169   -5.742  1.00 29.58 ? 70  ARG A NE  1 
ATOM   452 C  CZ  . ARG A 1 70 ? 10.075  0.073   -6.282  1.00 28.35 ? 70  ARG A CZ  1 
ATOM   453 N  NH1 . ARG A 1 70 ? 9.821   -0.215  -7.550  1.00 30.82 ? 70  ARG A NH1 1 
ATOM   454 N  NH2 . ARG A 1 70 ? 10.831  -0.739  -5.556  1.00 27.36 ? 70  ARG A NH2 1 
ATOM   455 N  N   . PRO A 1 71 ? 3.687   3.668   -8.646  1.00 16.97 ? 71  PRO A N   1 
ATOM   456 C  CA  . PRO A 1 71 ? 3.034   4.842   -9.231  1.00 17.67 ? 71  PRO A CA  1 
ATOM   457 C  C   . PRO A 1 71 ? 1.845   5.374   -8.420  1.00 16.40 ? 71  PRO A C   1 
ATOM   458 O  O   . PRO A 1 71 ? 1.525   6.558   -8.498  1.00 14.19 ? 71  PRO A O   1 
ATOM   459 C  CB  . PRO A 1 71 ? 2.602   4.339   -10.610 1.00 18.25 ? 71  PRO A CB  1 
ATOM   460 C  CG  . PRO A 1 71 ? 3.654   3.308   -10.935 1.00 16.82 ? 71  PRO A CG  1 
ATOM   461 C  CD  . PRO A 1 71 ? 3.770   2.569   -9.624  1.00 19.20 ? 71  PRO A CD  1 
ATOM   462 N  N   . TYR A 1 72 ? 1.207   4.499   -7.643  1.00 17.09 ? 72  TYR A N   1 
ATOM   463 C  CA  . TYR A 1 72 ? 0.023   4.869   -6.863  1.00 19.41 ? 72  TYR A CA  1 
ATOM   464 C  C   . TYR A 1 72 ? 0.241   5.238   -5.394  1.00 17.91 ? 72  TYR A C   1 
ATOM   465 O  O   . TYR A 1 72 ? -0.698  5.653   -4.720  1.00 19.46 ? 72  TYR A O   1 
ATOM   466 C  CB  . TYR A 1 72 ? -1.003  3.725   -6.894  1.00 21.19 ? 72  TYR A CB  1 
ATOM   467 C  CG  . TYR A 1 72 ? -1.284  3.153   -8.264  1.00 24.51 ? 72  TYR A CG  1 
ATOM   468 C  CD1 . TYR A 1 72 ? -0.421  2.221   -8.839  1.00 27.65 ? 72  TYR A CD1 1 
ATOM   469 C  CD2 . TYR A 1 72 ? -2.391  3.575   -9.004  1.00 28.63 ? 72  TYR A CD2 1 
ATOM   470 C  CE1 . TYR A 1 72 ? -0.649  1.730   -10.122 1.00 30.60 ? 72  TYR A CE1 1 
ATOM   471 C  CE2 . TYR A 1 72 ? -2.625  3.093   -10.285 1.00 30.75 ? 72  TYR A CE2 1 
ATOM   472 C  CZ  . TYR A 1 72 ? -1.747  2.172   -10.837 1.00 31.24 ? 72  TYR A CZ  1 
ATOM   473 O  OH  . TYR A 1 72 ? -1.955  1.712   -12.121 1.00 35.54 ? 72  TYR A OH  1 
ATOM   474 N  N   . LEU A 1 73 ? 1.469   5.123   -4.903  1.00 15.63 ? 73  LEU A N   1 
ATOM   475 C  CA  . LEU A 1 73 ? 1.736   5.359   -3.486  1.00 16.04 ? 73  LEU A CA  1 
ATOM   476 C  C   . LEU A 1 73 ? 2.556   6.566   -3.055  1.00 15.80 ? 73  LEU A C   1 
ATOM   477 O  O   . LEU A 1 73 ? 3.370   7.093   -3.805  1.00 17.35 ? 73  LEU A O   1 
ATOM   478 C  CB  . LEU A 1 73 ? 2.427   4.118   -2.910  1.00 13.10 ? 73  LEU A CB  1 
ATOM   479 C  CG  . LEU A 1 73 ? 1.755   2.754   -3.076  1.00 16.11 ? 73  LEU A CG  1 
ATOM   480 C  CD1 . LEU A 1 73 ? 2.695   1.657   -2.566  1.00 13.35 ? 73  LEU A CD1 1 
ATOM   481 C  CD2 . LEU A 1 73 ? 0.443   2.750   -2.332  1.00 18.23 ? 73  LEU A CD2 1 
ATOM   482 N  N   . ARG A 1 74 ? 2.329   6.980   -1.811  1.00 17.35 ? 74  ARG A N   1 
ATOM   483 C  CA  . ARG A 1 74 ? 3.092   8.050   -1.180  1.00 16.52 ? 74  ARG A CA  1 
ATOM   484 C  C   . ARG A 1 74 ? 3.169   7.636   0.287   1.00 15.92 ? 74  ARG A C   1 
ATOM   485 O  O   . ARG A 1 74 ? 2.416   6.765   0.726   1.00 15.61 ? 74  ARG A O   1 
ATOM   486 C  CB  . ARG A 1 74 ? 2.408   9.412   -1.334  1.00 18.34 ? 74  ARG A CB  1 
ATOM   487 C  CG  . ARG A 1 74 ? 0.984   9.504   -0.818  1.00 23.34 ? 74  ARG A CG  1 
ATOM   488 C  CD  . ARG A 1 74 ? 0.451   10.910  -1.053  1.00 26.57 ? 74  ARG A CD  1 
ATOM   489 N  NE  . ARG A 1 74 ? -0.967  11.019  -0.734  1.00 28.90 ? 74  ARG A NE  1 
ATOM   490 C  CZ  . ARG A 1 74 ? -1.447  11.451  0.428   1.00 31.42 ? 74  ARG A CZ  1 
ATOM   491 N  NH1 . ARG A 1 74 ? -2.761  11.505  0.613   1.00 31.62 ? 74  ARG A NH1 1 
ATOM   492 N  NH2 . ARG A 1 74 ? -0.622  11.846  1.392   1.00 29.42 ? 74  ARG A NH2 1 
ATOM   493 N  N   . PRO A 1 75 ? 4.094   8.218   1.060   1.00 16.15 ? 75  PRO A N   1 
ATOM   494 C  CA  . PRO A 1 75 ? 4.166   7.812   2.472   1.00 17.82 ? 75  PRO A CA  1 
ATOM   495 C  C   . PRO A 1 75 ? 2.836   7.971   3.210   1.00 19.12 ? 75  PRO A C   1 
ATOM   496 O  O   . PRO A 1 75 ? 2.116   8.947   2.930   1.00 19.04 ? 75  PRO A O   1 
ATOM   497 C  CB  . PRO A 1 75 ? 5.262   8.719   3.028   1.00 17.78 ? 75  PRO A CB  1 
ATOM   498 C  CG  . PRO A 1 75 ? 6.173   8.894   1.836   1.00 16.40 ? 75  PRO A CG  1 
ATOM   499 C  CD  . PRO A 1 75 ? 5.184   9.149   0.721   1.00 14.97 ? 75  PRO A CD  1 
ATOM   500 O  OXT . PRO A 1 75 ? 2.540   7.108   4.065   1.00 22.95 ? 75  PRO A OXT 1 
HETATM 501 CL CL  . CL  B 2 .  ? 8.551   7.656   -0.903  0.50 16.39 ? 100 CL  A CL  1 
HETATM 502 O  O   . HOH C 3 .  ? 13.411  -1.089  1.758   1.00 14.38 ? 101 HOH A O   1 
HETATM 503 O  O   . HOH C 3 .  ? 13.625  0.347   4.156   1.00 13.13 ? 102 HOH A O   1 
HETATM 504 O  O   . HOH C 3 .  ? 5.486   5.635   -4.677  1.00 15.19 ? 103 HOH A O   1 
HETATM 505 O  O   . HOH C 3 .  ? 10.583  5.024   -1.451  1.00 17.69 ? 104 HOH A O   1 
HETATM 506 O  O   . HOH C 3 .  ? 4.244   -8.078  7.961   1.00 22.61 ? 105 HOH A O   1 
HETATM 507 O  O   . HOH C 3 .  ? -4.778  7.768   1.062   1.00 22.08 ? 106 HOH A O   1 
HETATM 508 O  O   . HOH C 3 .  ? -1.977  5.986   10.709  1.00 18.65 ? 107 HOH A O   1 
HETATM 509 O  O   . HOH C 3 .  ? 6.818   -7.258  9.167   1.00 22.76 ? 108 HOH A O   1 
HETATM 510 O  O   . HOH C 3 .  ? 3.033   -5.925  9.204   1.00 20.19 ? 109 HOH A O   1 
HETATM 511 O  O   . HOH C 3 .  ? -5.799  8.572   8.511   1.00 21.45 ? 110 HOH A O   1 
HETATM 512 O  O   . HOH C 3 .  ? 8.532   -7.776  1.465   1.00 27.39 ? 111 HOH A O   1 
HETATM 513 O  O   . HOH C 3 .  ? 1.977   0.195   13.735  1.00 25.13 ? 112 HOH A O   1 
HETATM 514 O  O   . HOH C 3 .  ? 14.452  -1.171  -2.865  1.00 29.51 ? 113 HOH A O   1 
HETATM 515 O  O   . HOH C 3 .  ? 13.233  4.446   6.359   1.00 27.80 ? 114 HOH A O   1 
HETATM 516 O  O   . HOH C 3 .  ? 2.507   11.380  2.013   1.00 27.97 ? 115 HOH A O   1 
HETATM 517 O  O   . HOH C 3 .  ? 1.571   -7.589  10.751  1.00 31.25 ? 116 HOH A O   1 
HETATM 518 O  O   . HOH C 3 .  ? -7.726  -8.043  7.192   1.00 29.70 ? 117 HOH A O   1 
HETATM 519 O  O   . HOH C 3 .  ? -11.682 0.298   5.903   1.00 25.49 ? 118 HOH A O   1 
HETATM 520 O  O   . HOH C 3 .  ? 7.627   1.623   11.658  1.00 31.84 ? 119 HOH A O   1 
HETATM 521 O  O   . HOH C 3 .  ? -13.690 2.173   5.075   1.00 33.93 ? 120 HOH A O   1 
HETATM 522 O  O   . HOH C 3 .  ? 9.153   10.536  5.233   1.00 31.99 ? 121 HOH A O   1 
HETATM 523 O  O   . HOH C 3 .  ? 2.762   10.182  5.934   1.00 30.41 ? 122 HOH A O   1 
HETATM 524 O  O   . HOH C 3 .  ? 2.212   -15.603 5.710   1.00 41.50 ? 123 HOH A O   1 
HETATM 525 O  O   . HOH C 3 .  ? 3.559   -10.328 9.070   1.00 34.06 ? 124 HOH A O   1 
HETATM 526 O  O   . HOH C 3 .  ? 6.232   -0.036  12.920  1.00 31.95 ? 125 HOH A O   1 
HETATM 527 O  O   . HOH C 3 .  ? 3.695   -10.136 -6.255  1.00 37.48 ? 126 HOH A O   1 
HETATM 528 O  O   . HOH C 3 .  ? 7.498   1.299   -11.438 1.00 41.14 ? 127 HOH A O   1 
HETATM 529 O  O   . HOH C 3 .  ? 7.068   -10.095 -6.079  1.00 31.13 ? 128 HOH A O   1 
HETATM 530 O  O   . HOH C 3 .  ? -12.727 9.916   -3.713  1.00 41.43 ? 129 HOH A O   1 
HETATM 531 O  O   . HOH C 3 .  ? 10.882  -3.529  -7.169  1.00 38.36 ? 130 HOH A O   1 
HETATM 532 O  O   . HOH C 3 .  ? -12.466 4.437   3.137   1.00 40.85 ? 131 HOH A O   1 
HETATM 533 O  O   . HOH C 3 .  ? -0.048  -11.747 9.143   1.00 55.07 ? 132 HOH A O   1 
HETATM 534 O  O   . HOH C 3 .  ? -6.196  -6.790  -6.668  1.00 37.75 ? 133 HOH A O   1 
HETATM 535 O  O   . HOH C 3 .  ? -5.414  12.814  -7.565  1.00 42.47 ? 134 HOH A O   1 
HETATM 536 O  O   . HOH C 3 .  ? 5.640   -5.063  9.774   1.00 32.46 ? 135 HOH A O   1 
HETATM 537 O  O   . HOH C 3 .  ? 9.845   4.393   -4.092  0.50 38.40 ? 136 HOH A O   1 
HETATM 538 O  O   . HOH C 3 .  ? -4.047  -10.257 0.644   1.00 18.30 ? 137 HOH A O   1 
# 
